data_8HRX
#
_entry.id   8HRX
#
_cell.length_a   1.00
_cell.length_b   1.00
_cell.length_c   1.00
_cell.angle_alpha   90.00
_cell.angle_beta   90.00
_cell.angle_gamma   90.00
#
_symmetry.space_group_name_H-M   'P 1'
#
loop_
_entity.id
_entity.type
_entity.pdbx_description
1 polymer 'Sodium/bile acid cotransporter'
2 polymer 'PreS1 protein (Fragment)'
3 polymer 'Fab heavy chain from antibody IgG clone number YN9048'
4 polymer 'Fab light chain from antibody IgG clone number YN9048'
#
loop_
_entity_poly.entity_id
_entity_poly.type
_entity_poly.pdbx_seq_one_letter_code
_entity_poly.pdbx_strand_id
1 'polypeptide(L)'
;MEAHNASAPFNFTLPPNFGKRPTDLALSVILVFMLFFIMLSLGCTMEFSKIKAHLWKPKGLAIALVAQYGIMPLTAFVLG
KVFRLKNIEALAILVCGCSPGGNLSNVFSLAMKGDMNLSIVMTTCSTFCALGMMPLLLYIYSRGIYDGDLKDKVPYKGIV
ISLVLVLIPCTIGIVLKSKRPQYMRYVIKGGMIIILLCSVAVTVLSAINVGKSIMFAMTPLLIATSSLMPFIGFLLGYVL
SALFCLNGRCRRTVSMETGCQNVQLCSTILNVAFPPEVIGPLFFFPLLYMIFQLGEGLLLIAIFWCYEKFKTPKDKTKMI
ENLYFQGDYKDDDDKHHHHHHHH
;
A
2 'polypeptide(L)' GTNLSVPNPLGFFPDHQLDPAFKANSENPDWDLNPHKDNWPDANKVGDYKDDDDK B
3 'polypeptide(L)'
;EVQLQESGPELVKPGDSVKMSCKASGYTFTDYYMDWVKQNHGKSLEWIGYIYPYNGGTNYNQKFKGKATLTVDKSSSTAY
MELHSLTSEDSAVYYCARRGRFPWLAYWGQGTLVTVSAAKTTPPSVYPLAPGCGDTTGSSVTLGCLVKGYFPESVTVTWN
SGSLSSSVHTFPALLQSGLYTMSSSVTVPSSTWPSQTVTCSVAHPASSTTVDKKLEPSGPISTINPCPPCKECHKCPAPN
LEGGPS
;
H
4 'polypeptide(L)'
;DIVMTQTTSSLSASLGDRVTISCRASQDISNYLNWYQQKPDGTVRVLIYYTSRLHSGVPSRFSGSGSGTDFSLTISNLEP
EDIATYYCQQYSKFPWTFGGGTKLEIKRADAAPTVSIFPPSSEQLTSGGASVVCFLNNFYPKDINVKWKIDGSERQNGVL
NSWTDQDSKDSTYSMSSTLTLTKDEYERHNSYTCEATHKTSTSPIVKSFNRNEC
;
L
#
# COMPACT_ATOMS: atom_id res chain seq x y z
N ASN A 11 -6.81 14.25 -14.60
CA ASN A 11 -5.37 14.00 -14.57
C ASN A 11 -4.65 14.98 -13.65
N PHE A 12 -4.92 14.86 -12.34
CA PHE A 12 -4.29 15.72 -11.35
C PHE A 12 -3.04 15.03 -10.80
N THR A 13 -1.91 15.74 -10.87
CA THR A 13 -0.63 15.22 -10.37
C THR A 13 0.04 16.29 -9.52
N LEU A 14 0.39 15.91 -8.29
CA LEU A 14 1.15 16.79 -7.42
C LEU A 14 2.60 16.86 -7.89
N PRO A 15 3.34 17.89 -7.48
CA PRO A 15 4.76 17.94 -7.81
C PRO A 15 5.47 16.73 -7.26
N PRO A 16 6.55 16.29 -7.93
CA PRO A 16 7.16 15.00 -7.54
C PRO A 16 7.60 14.91 -6.09
N ASN A 17 8.13 16.00 -5.53
CA ASN A 17 8.54 16.05 -4.13
C ASN A 17 7.91 17.29 -3.51
N PHE A 18 6.68 17.14 -3.00
CA PHE A 18 5.96 18.28 -2.45
C PHE A 18 6.34 18.53 -1.00
N GLY A 19 6.13 17.53 -0.15
CA GLY A 19 6.38 17.73 1.27
C GLY A 19 7.84 17.97 1.59
N LYS A 20 8.72 17.18 0.99
CA LYS A 20 10.15 17.22 1.29
C LYS A 20 10.86 18.01 0.20
N ARG A 21 11.19 19.26 0.50
CA ARG A 21 11.91 20.13 -0.41
C ARG A 21 12.45 21.31 0.40
N PRO A 22 13.61 21.86 0.01
CA PRO A 22 14.11 23.05 0.73
C PRO A 22 13.15 24.23 0.66
N THR A 23 12.47 24.41 -0.47
CA THR A 23 11.56 25.53 -0.61
C THR A 23 10.37 25.42 0.34
N ASP A 24 9.82 24.22 0.50
CA ASP A 24 8.68 24.05 1.40
C ASP A 24 9.06 24.27 2.86
N LEU A 25 10.22 23.74 3.27
CA LEU A 25 10.68 23.98 4.63
C LEU A 25 10.95 25.47 4.86
N ALA A 26 11.55 26.13 3.87
CA ALA A 26 11.75 27.58 3.97
C ALA A 26 10.41 28.30 4.11
N LEU A 27 9.42 27.90 3.31
CA LEU A 27 8.11 28.53 3.36
C LEU A 27 7.48 28.37 4.75
N SER A 28 7.58 27.18 5.33
CA SER A 28 7.07 26.97 6.67
C SER A 28 7.79 27.84 7.69
N VAL A 29 9.11 27.96 7.56
CA VAL A 29 9.89 28.78 8.50
C VAL A 29 9.46 30.24 8.41
N ILE A 30 9.33 30.76 7.19
CA ILE A 30 8.89 32.15 7.05
C ILE A 30 7.47 32.33 7.56
N LEU A 31 6.60 31.32 7.39
CA LEU A 31 5.25 31.44 7.94
C LEU A 31 5.28 31.54 9.46
N VAL A 32 6.11 30.72 10.11
CA VAL A 32 6.22 30.78 11.57
C VAL A 32 6.76 32.13 12.02
N PHE A 33 7.80 32.63 11.34
CA PHE A 33 8.37 33.92 11.70
C PHE A 33 7.35 35.04 11.49
N MET A 34 6.60 34.98 10.40
CA MET A 34 5.55 35.95 10.14
C MET A 34 4.52 35.94 11.26
N LEU A 35 4.08 34.74 11.67
CA LEU A 35 3.09 34.65 12.74
C LEU A 35 3.63 35.26 14.02
N PHE A 36 4.86 34.93 14.39
CA PHE A 36 5.42 35.42 15.65
C PHE A 36 5.53 36.94 15.64
N PHE A 37 6.11 37.51 14.57
CA PHE A 37 6.32 38.95 14.55
C PHE A 37 5.00 39.70 14.40
N ILE A 38 4.06 39.17 13.61
CA ILE A 38 2.75 39.78 13.50
C ILE A 38 2.06 39.81 14.85
N MET A 39 2.10 38.70 15.58
CA MET A 39 1.44 38.66 16.88
C MET A 39 2.12 39.60 17.87
N LEU A 40 3.45 39.69 17.84
CA LEU A 40 4.13 40.62 18.74
C LEU A 40 3.73 42.07 18.46
N SER A 41 3.86 42.49 17.20
CA SER A 41 3.53 43.86 16.86
C SER A 41 2.04 44.14 16.91
N LEU A 42 1.21 43.10 16.96
CA LEU A 42 -0.24 43.21 17.00
C LEU A 42 -0.74 43.29 18.43
N GLY A 43 -0.10 42.57 19.35
CA GLY A 43 -0.35 42.73 20.77
C GLY A 43 0.35 43.92 21.38
N CYS A 44 1.27 44.55 20.65
CA CYS A 44 1.84 45.80 21.15
C CYS A 44 0.82 46.97 21.17
N THR A 45 -0.47 46.76 20.89
CA THR A 45 -1.47 47.82 20.92
C THR A 45 -2.72 47.38 21.67
N MET A 46 -2.54 46.65 22.77
CA MET A 46 -3.65 46.24 23.62
C MET A 46 -3.37 46.64 25.06
N GLU A 47 -4.40 46.52 25.89
CA GLU A 47 -4.32 46.79 27.31
C GLU A 47 -4.96 45.65 28.08
N PHE A 48 -4.36 45.29 29.22
CA PHE A 48 -4.91 44.21 30.03
C PHE A 48 -6.28 44.58 30.60
N SER A 49 -6.46 45.84 31.01
CA SER A 49 -7.71 46.25 31.61
C SER A 49 -8.88 46.14 30.65
N LYS A 50 -8.66 46.53 29.38
CA LYS A 50 -9.73 46.42 28.40
C LYS A 50 -10.09 44.96 28.12
N ILE A 51 -9.09 44.08 28.09
CA ILE A 51 -9.34 42.66 27.91
C ILE A 51 -10.17 42.12 29.07
N LYS A 52 -9.80 42.51 30.30
CA LYS A 52 -10.58 42.07 31.46
C LYS A 52 -12.01 42.59 31.40
N ALA A 53 -12.18 43.84 30.98
CA ALA A 53 -13.52 44.42 30.87
C ALA A 53 -14.35 43.68 29.84
N HIS A 54 -13.75 43.34 28.69
CA HIS A 54 -14.46 42.59 27.67
C HIS A 54 -14.83 41.19 28.15
N LEU A 55 -13.93 40.56 28.92
CA LEU A 55 -14.26 39.27 29.51
C LEU A 55 -15.43 39.38 30.48
N TRP A 56 -15.45 40.44 31.29
CA TRP A 56 -16.51 40.63 32.26
C TRP A 56 -17.80 41.14 31.64
N LYS A 57 -17.79 41.51 30.36
CA LYS A 57 -18.99 41.91 29.62
C LYS A 57 -19.07 41.04 28.39
N PRO A 58 -19.64 39.84 28.51
CA PRO A 58 -19.52 38.85 27.44
C PRO A 58 -20.50 39.04 26.30
N LYS A 59 -21.11 40.22 26.18
CA LYS A 59 -22.06 40.46 25.10
C LYS A 59 -21.39 40.30 23.73
N GLY A 60 -20.28 40.99 23.52
CA GLY A 60 -19.60 40.91 22.23
C GLY A 60 -19.05 39.53 21.94
N LEU A 61 -18.47 38.88 22.95
CA LEU A 61 -17.96 37.53 22.74
C LEU A 61 -19.08 36.58 22.39
N ALA A 62 -20.21 36.68 23.10
CA ALA A 62 -21.34 35.80 22.84
C ALA A 62 -21.88 35.99 21.43
N ILE A 63 -22.05 37.24 21.00
CA ILE A 63 -22.59 37.48 19.67
C ILE A 63 -21.59 37.02 18.60
N ALA A 64 -20.30 37.22 18.84
CA ALA A 64 -19.30 36.78 17.87
C ALA A 64 -19.30 35.26 17.73
N LEU A 65 -19.34 34.54 18.86
CA LEU A 65 -19.36 33.08 18.80
C LEU A 65 -20.63 32.58 18.14
N VAL A 66 -21.78 33.18 18.46
CA VAL A 66 -23.03 32.77 17.84
C VAL A 66 -22.96 32.98 16.34
N ALA A 67 -22.48 34.15 15.91
CA ALA A 67 -22.37 34.43 14.48
C ALA A 67 -21.48 33.40 13.80
N GLN A 68 -20.27 33.19 14.33
CA GLN A 68 -19.34 32.26 13.72
C GLN A 68 -19.97 30.87 13.60
N TYR A 69 -20.30 30.25 14.73
CA TYR A 69 -20.72 28.86 14.73
C TYR A 69 -22.18 28.65 14.34
N GLY A 70 -22.89 29.71 13.95
CA GLY A 70 -24.23 29.50 13.42
C GLY A 70 -24.37 30.00 12.00
N ILE A 71 -23.34 30.65 11.47
CA ILE A 71 -23.36 31.17 10.12
C ILE A 71 -22.37 30.44 9.22
N MET A 72 -21.11 30.33 9.66
CA MET A 72 -20.10 29.71 8.79
C MET A 72 -20.40 28.26 8.46
N PRO A 73 -20.67 27.37 9.41
CA PRO A 73 -21.07 26.00 9.03
C PRO A 73 -22.35 25.97 8.22
N LEU A 74 -23.33 26.79 8.59
CA LEU A 74 -24.59 26.81 7.86
C LEU A 74 -24.40 27.31 6.44
N THR A 75 -23.60 28.36 6.25
CA THR A 75 -23.38 28.86 4.90
C THR A 75 -22.57 27.87 4.07
N ALA A 76 -21.63 27.15 4.68
CA ALA A 76 -20.91 26.11 3.95
C ALA A 76 -21.85 25.00 3.50
N PHE A 77 -22.73 24.56 4.40
CA PHE A 77 -23.69 23.51 4.05
C PHE A 77 -24.63 23.97 2.95
N VAL A 78 -25.13 25.20 3.05
CA VAL A 78 -26.07 25.71 2.06
C VAL A 78 -25.39 25.87 0.70
N LEU A 79 -24.14 26.37 0.69
CA LEU A 79 -23.42 26.49 -0.57
C LEU A 79 -23.17 25.12 -1.20
N GLY A 80 -22.79 24.13 -0.38
CA GLY A 80 -22.59 22.79 -0.92
C GLY A 80 -23.85 22.20 -1.49
N LYS A 81 -24.99 22.41 -0.82
CA LYS A 81 -26.24 21.87 -1.33
C LYS A 81 -26.68 22.59 -2.59
N VAL A 82 -26.53 23.92 -2.64
CA VAL A 82 -27.02 24.70 -3.77
C VAL A 82 -26.17 24.45 -5.01
N PHE A 83 -24.85 24.45 -4.86
CA PHE A 83 -23.96 24.33 -6.01
C PHE A 83 -23.86 22.91 -6.55
N ARG A 84 -24.48 21.93 -5.89
CA ARG A 84 -24.49 20.55 -6.35
C ARG A 84 -23.07 20.00 -6.49
N LEU A 85 -22.28 20.18 -5.44
CA LEU A 85 -20.91 19.69 -5.44
C LEU A 85 -20.88 18.20 -5.15
N LYS A 86 -19.71 17.60 -5.39
CA LYS A 86 -19.53 16.19 -5.08
C LYS A 86 -19.48 15.98 -3.57
N ASN A 87 -19.52 14.71 -3.16
CA ASN A 87 -19.50 14.41 -1.73
C ASN A 87 -18.21 14.88 -1.08
N ILE A 88 -17.08 14.68 -1.75
CA ILE A 88 -15.81 15.13 -1.18
C ILE A 88 -15.72 16.65 -1.20
N GLU A 89 -16.17 17.28 -2.29
CA GLU A 89 -16.13 18.73 -2.38
C GLU A 89 -17.02 19.38 -1.33
N ALA A 90 -18.22 18.85 -1.14
CA ALA A 90 -19.13 19.40 -0.13
C ALA A 90 -18.60 19.19 1.27
N LEU A 91 -17.78 18.15 1.48
CA LEU A 91 -17.17 17.94 2.79
C LEU A 91 -16.00 18.88 3.04
N ALA A 92 -15.24 19.21 2.00
CA ALA A 92 -14.09 20.08 2.18
C ALA A 92 -14.50 21.48 2.62
N ILE A 93 -15.57 22.02 2.03
CA ILE A 93 -16.04 23.35 2.43
C ILE A 93 -16.61 23.30 3.85
N LEU A 94 -17.28 22.20 4.20
CA LEU A 94 -17.90 22.11 5.52
C LEU A 94 -16.87 22.16 6.63
N VAL A 95 -15.73 21.47 6.44
CA VAL A 95 -14.68 21.50 7.45
C VAL A 95 -14.10 22.91 7.59
N CYS A 96 -13.99 23.64 6.47
CA CYS A 96 -13.54 25.02 6.54
C CYS A 96 -14.54 25.89 7.28
N GLY A 97 -15.84 25.64 7.07
CA GLY A 97 -16.85 26.42 7.77
C GLY A 97 -16.86 26.16 9.26
N CYS A 98 -16.59 24.93 9.67
CA CYS A 98 -16.57 24.58 11.09
C CYS A 98 -15.28 24.98 11.79
N SER A 99 -14.25 25.37 11.05
CA SER A 99 -12.97 25.70 11.65
C SER A 99 -13.07 27.03 12.42
N PRO A 100 -12.23 27.22 13.43
CA PRO A 100 -12.22 28.49 14.16
C PRO A 100 -11.70 29.63 13.30
N GLY A 101 -12.08 30.84 13.68
CA GLY A 101 -11.53 32.03 13.06
C GLY A 101 -10.04 32.14 13.27
N GLY A 102 -9.29 32.38 12.20
CA GLY A 102 -7.85 32.44 12.28
C GLY A 102 -7.36 33.76 12.86
N ASN A 103 -6.03 33.84 13.03
CA ASN A 103 -5.40 35.04 13.56
C ASN A 103 -5.28 36.14 12.53
N LEU A 104 -5.61 35.87 11.27
CA LEU A 104 -5.65 36.93 10.26
C LEU A 104 -6.70 37.98 10.62
N SER A 105 -7.74 37.59 11.35
CA SER A 105 -8.77 38.53 11.75
C SER A 105 -8.21 39.63 12.63
N ASN A 106 -7.20 39.33 13.44
CA ASN A 106 -6.64 40.33 14.34
C ASN A 106 -5.99 41.47 13.55
N VAL A 107 -5.12 41.15 12.61
CA VAL A 107 -4.49 42.18 11.80
C VAL A 107 -5.52 42.86 10.90
N PHE A 108 -6.48 42.08 10.38
CA PHE A 108 -7.50 42.67 9.54
C PHE A 108 -8.32 43.71 10.30
N SER A 109 -8.66 43.42 11.55
CA SER A 109 -9.34 44.40 12.40
C SER A 109 -8.42 45.54 12.78
N LEU A 110 -7.12 45.28 12.89
CA LEU A 110 -6.17 46.35 13.13
C LEU A 110 -6.19 47.36 11.99
N ALA A 111 -6.37 46.88 10.76
CA ALA A 111 -6.45 47.76 9.62
C ALA A 111 -7.71 48.63 9.63
N MET A 112 -8.69 48.33 10.49
CA MET A 112 -9.94 49.09 10.53
C MET A 112 -10.24 49.64 11.91
N LYS A 113 -9.20 49.86 12.72
CA LYS A 113 -9.30 50.41 14.08
C LYS A 113 -10.50 49.83 14.83
N GLY A 114 -10.43 48.52 15.07
CA GLY A 114 -11.59 47.78 15.54
C GLY A 114 -11.53 47.17 16.93
N ASP A 115 -11.03 47.90 17.94
CA ASP A 115 -11.10 47.46 19.34
C ASP A 115 -10.38 46.12 19.53
N MET A 116 -9.06 46.19 19.38
CA MET A 116 -8.24 44.98 19.28
C MET A 116 -8.40 44.05 20.47
N ASN A 117 -8.68 44.59 21.66
CA ASN A 117 -8.88 43.73 22.82
C ASN A 117 -10.06 42.79 22.62
N LEU A 118 -11.17 43.32 22.11
CA LEU A 118 -12.30 42.46 21.78
C LEU A 118 -11.92 41.45 20.71
N SER A 119 -11.09 41.86 19.75
CA SER A 119 -10.69 40.95 18.67
C SER A 119 -9.91 39.76 19.21
N ILE A 120 -8.92 40.03 20.08
CA ILE A 120 -8.11 38.93 20.60
C ILE A 120 -8.93 38.06 21.53
N VAL A 121 -9.83 38.67 22.32
CA VAL A 121 -10.69 37.88 23.20
C VAL A 121 -11.56 36.94 22.37
N MET A 122 -12.16 37.46 21.30
CA MET A 122 -13.01 36.64 20.45
C MET A 122 -12.21 35.54 19.77
N THR A 123 -11.00 35.85 19.31
CA THR A 123 -10.19 34.83 18.65
C THR A 123 -9.85 33.69 19.61
N THR A 124 -9.42 34.03 20.82
CA THR A 124 -9.05 33.00 21.79
C THR A 124 -10.26 32.16 22.18
N CYS A 125 -11.37 32.81 22.51
CA CYS A 125 -12.55 32.06 22.92
C CYS A 125 -13.13 31.24 21.77
N SER A 126 -13.03 31.74 20.53
CA SER A 126 -13.48 30.98 19.38
C SER A 126 -12.63 29.75 19.16
N THR A 127 -11.31 29.87 19.35
CA THR A 127 -10.45 28.69 19.23
C THR A 127 -10.79 27.66 20.29
N PHE A 128 -11.02 28.11 21.53
CA PHE A 128 -11.39 27.17 22.60
C PHE A 128 -12.72 26.49 22.30
N CYS A 129 -13.73 27.27 21.91
CA CYS A 129 -15.02 26.69 21.58
C CYS A 129 -14.92 25.79 20.35
N ALA A 130 -13.99 26.06 19.45
CA ALA A 130 -13.76 25.17 18.32
C ALA A 130 -13.27 23.82 18.81
N LEU A 131 -12.20 23.81 19.61
CA LEU A 131 -11.70 22.55 20.13
C LEU A 131 -12.77 21.83 20.93
N GLY A 132 -13.71 22.57 21.50
CA GLY A 132 -14.82 21.96 22.21
C GLY A 132 -15.92 21.36 21.36
N MET A 133 -16.34 22.06 20.30
CA MET A 133 -17.59 21.74 19.62
C MET A 133 -17.47 21.48 18.12
N MET A 134 -16.27 21.57 17.54
CA MET A 134 -16.12 21.28 16.11
C MET A 134 -16.53 19.85 15.76
N PRO A 135 -16.17 18.82 16.52
CA PRO A 135 -16.72 17.49 16.22
C PRO A 135 -18.23 17.43 16.26
N LEU A 136 -18.87 18.19 17.16
CA LEU A 136 -20.33 18.21 17.21
C LEU A 136 -20.92 18.78 15.93
N LEU A 137 -20.38 19.91 15.48
CA LEU A 137 -20.87 20.51 14.25
C LEU A 137 -20.63 19.59 13.06
N LEU A 138 -19.47 18.94 13.02
CA LEU A 138 -19.18 18.00 11.95
C LEU A 138 -20.17 16.84 11.96
N TYR A 139 -20.48 16.31 13.15
CA TYR A 139 -21.41 15.19 13.25
C TYR A 139 -22.81 15.58 12.80
N ILE A 140 -23.29 16.75 13.21
CA ILE A 140 -24.66 17.12 12.87
C ILE A 140 -24.80 17.75 11.49
N TYR A 141 -23.70 18.13 10.84
CA TYR A 141 -23.80 18.69 9.49
C TYR A 141 -23.37 17.72 8.40
N SER A 142 -22.49 16.76 8.71
CA SER A 142 -22.01 15.84 7.69
C SER A 142 -23.03 14.75 7.37
N ARG A 143 -24.01 14.51 8.25
CA ARG A 143 -25.00 13.47 8.00
C ARG A 143 -25.64 13.64 6.64
N GLY A 144 -25.43 12.65 5.77
CA GLY A 144 -25.80 12.71 4.37
C GLY A 144 -24.62 12.53 3.44
N ILE A 145 -23.42 12.93 3.87
CA ILE A 145 -22.18 12.72 3.13
C ILE A 145 -21.12 12.22 4.09
N TYR A 146 -20.36 11.22 3.67
CA TYR A 146 -19.30 10.63 4.48
C TYR A 146 -19.85 10.09 5.80
N ASP A 147 -20.61 9.00 5.67
CA ASP A 147 -21.15 8.29 6.83
C ASP A 147 -20.07 7.87 7.82
N GLY A 148 -18.80 8.02 7.45
CA GLY A 148 -17.69 7.76 8.35
C GLY A 148 -17.68 8.63 9.59
N ASP A 149 -16.67 8.44 10.45
CA ASP A 149 -16.68 9.08 11.76
C ASP A 149 -16.21 10.53 11.67
N LEU A 150 -14.95 10.74 11.29
CA LEU A 150 -14.32 12.05 11.18
C LEU A 150 -14.30 12.82 12.51
N LYS A 151 -14.65 12.17 13.61
CA LYS A 151 -14.67 12.85 14.90
C LYS A 151 -13.33 12.82 15.60
N ASP A 152 -12.52 11.77 15.36
CA ASP A 152 -11.21 11.63 16.00
C ASP A 152 -10.09 12.20 15.15
N LYS A 153 -10.39 12.81 14.00
CA LYS A 153 -9.37 13.35 13.12
C LYS A 153 -9.06 14.82 13.38
N VAL A 154 -9.91 15.52 14.12
CA VAL A 154 -9.66 16.93 14.42
C VAL A 154 -8.60 17.03 15.51
N PRO A 155 -7.54 17.81 15.30
CA PRO A 155 -6.51 17.95 16.35
C PRO A 155 -7.09 18.55 17.61
N TYR A 156 -6.66 18.02 18.75
CA TYR A 156 -7.13 18.50 20.05
C TYR A 156 -6.01 19.13 20.87
N LYS A 157 -4.92 18.40 21.11
CA LYS A 157 -3.79 18.99 21.83
C LYS A 157 -3.10 20.05 20.99
N GLY A 158 -3.04 19.85 19.68
CA GLY A 158 -2.40 20.85 18.82
C GLY A 158 -3.10 22.18 18.88
N ILE A 159 -4.43 22.18 19.01
CA ILE A 159 -5.19 23.43 19.06
C ILE A 159 -4.78 24.24 20.28
N VAL A 160 -4.76 23.61 21.46
CA VAL A 160 -4.42 24.34 22.67
C VAL A 160 -2.94 24.75 22.65
N ILE A 161 -2.07 23.90 22.10
CA ILE A 161 -0.66 24.26 22.01
C ILE A 161 -0.47 25.48 21.13
N SER A 162 -1.15 25.51 19.98
CA SER A 162 -1.06 26.66 19.10
C SER A 162 -1.64 27.90 19.76
N LEU A 163 -2.75 27.74 20.49
CA LEU A 163 -3.33 28.88 21.20
C LEU A 163 -2.34 29.49 22.17
N VAL A 164 -1.68 28.65 22.97
CA VAL A 164 -0.68 29.17 23.91
C VAL A 164 0.50 29.79 23.18
N LEU A 165 0.97 29.14 22.11
CA LEU A 165 2.14 29.61 21.38
C LEU A 165 1.88 30.91 20.65
N VAL A 166 0.63 31.20 20.29
CA VAL A 166 0.32 32.50 19.70
C VAL A 166 -0.06 33.54 20.76
N LEU A 167 -0.50 33.11 21.94
CA LEU A 167 -0.77 34.06 23.00
C LEU A 167 0.51 34.56 23.65
N ILE A 168 1.59 33.77 23.62
CA ILE A 168 2.85 34.19 24.24
C ILE A 168 3.40 35.47 23.62
N PRO A 169 3.56 35.60 22.29
CA PRO A 169 4.02 36.88 21.75
C PRO A 169 3.06 38.02 22.01
N CYS A 170 1.76 37.75 22.03
CA CYS A 170 0.78 38.80 22.28
C CYS A 170 0.96 39.38 23.67
N THR A 171 1.09 38.52 24.69
CA THR A 171 1.28 39.02 26.03
C THR A 171 2.66 39.64 26.21
N ILE A 172 3.66 39.14 25.48
CA ILE A 172 4.97 39.79 25.51
C ILE A 172 4.87 41.22 25.01
N GLY A 173 4.17 41.42 23.90
CA GLY A 173 3.99 42.76 23.38
C GLY A 173 3.17 43.65 24.30
N ILE A 174 2.13 43.07 24.93
CA ILE A 174 1.32 43.84 25.87
C ILE A 174 2.17 44.30 27.05
N VAL A 175 2.99 43.41 27.60
CA VAL A 175 3.86 43.77 28.72
C VAL A 175 4.85 44.84 28.28
N LEU A 176 5.42 44.69 27.08
CA LEU A 176 6.37 45.68 26.59
C LEU A 176 5.71 47.05 26.47
N LYS A 177 4.49 47.11 25.94
CA LYS A 177 3.79 48.38 25.83
C LYS A 177 3.48 48.97 27.20
N SER A 178 3.01 48.14 28.14
CA SER A 178 2.62 48.65 29.44
C SER A 178 3.82 49.08 30.28
N LYS A 179 4.91 48.30 30.22
CA LYS A 179 6.06 48.59 31.05
C LYS A 179 6.80 49.84 30.60
N ARG A 180 7.36 49.81 29.39
CA ARG A 180 8.13 50.93 28.87
C ARG A 180 7.76 51.20 27.42
N PRO A 181 7.13 52.35 27.13
CA PRO A 181 6.63 52.60 25.78
C PRO A 181 7.63 53.18 24.79
N GLN A 182 8.84 53.55 25.24
CA GLN A 182 9.80 54.16 24.32
C GLN A 182 10.48 53.15 23.41
N TYR A 183 10.25 51.85 23.60
CA TYR A 183 10.67 50.84 22.64
C TYR A 183 9.71 50.69 21.47
N MET A 184 8.57 51.39 21.50
CA MET A 184 7.57 51.21 20.43
C MET A 184 8.13 51.63 19.08
N ARG A 185 8.66 52.82 18.96
CA ARG A 185 9.14 53.25 17.66
C ARG A 185 10.23 52.34 17.13
N TYR A 186 11.20 52.00 17.96
CA TYR A 186 12.27 51.12 17.50
C TYR A 186 11.78 49.70 17.19
N VAL A 187 11.01 49.12 18.10
CA VAL A 187 10.46 47.78 17.94
C VAL A 187 9.40 47.58 16.86
N ILE A 188 8.45 48.52 16.81
CA ILE A 188 7.34 48.45 15.86
C ILE A 188 7.72 48.56 14.39
N LYS A 189 8.60 49.51 14.09
CA LYS A 189 9.06 49.71 12.72
C LYS A 189 9.80 48.48 12.21
N GLY A 190 10.67 47.94 13.06
CA GLY A 190 11.43 46.76 12.71
C GLY A 190 10.52 45.58 12.45
N GLY A 191 9.52 45.43 13.31
CA GLY A 191 8.57 44.35 13.18
C GLY A 191 7.80 44.48 11.89
N MET A 192 7.39 45.70 11.56
CA MET A 192 6.66 45.96 10.33
C MET A 192 7.52 45.61 9.12
N ILE A 193 8.80 45.98 9.19
CA ILE A 193 9.71 45.69 8.09
C ILE A 193 9.86 44.20 7.91
N ILE A 194 9.95 43.47 9.03
CA ILE A 194 10.08 42.02 8.96
C ILE A 194 8.82 41.40 8.35
N ILE A 195 7.67 41.94 8.73
CA ILE A 195 6.39 41.44 8.22
C ILE A 195 6.26 41.64 6.71
N LEU A 196 6.70 42.79 6.22
CA LEU A 196 6.62 43.07 4.79
C LEU A 196 7.56 42.16 3.99
N LEU A 197 8.80 42.02 4.46
CA LEU A 197 9.74 41.15 3.78
C LEU A 197 9.27 39.71 3.80
N CYS A 198 8.77 39.24 4.95
CA CYS A 198 8.26 37.89 5.05
C CYS A 198 7.06 37.66 4.16
N SER A 199 6.21 38.68 4.00
CA SER A 199 5.02 38.53 3.16
C SER A 199 5.39 38.42 1.69
N VAL A 200 6.29 39.29 1.21
CA VAL A 200 6.70 39.17 -0.18
C VAL A 200 7.43 37.84 -0.42
N ALA A 201 8.25 37.43 0.54
CA ALA A 201 8.95 36.14 0.42
C ALA A 201 7.95 34.98 0.41
N VAL A 202 6.93 35.03 1.26
CA VAL A 202 5.96 33.94 1.33
C VAL A 202 5.13 33.88 0.05
N THR A 203 4.79 35.04 -0.52
CA THR A 203 4.08 35.04 -1.79
C THR A 203 4.91 34.40 -2.89
N VAL A 204 6.18 34.82 -2.99
CA VAL A 204 7.05 34.29 -4.03
C VAL A 204 7.25 32.79 -3.84
N LEU A 205 7.49 32.36 -2.60
CA LEU A 205 7.73 30.95 -2.32
C LEU A 205 6.50 30.10 -2.62
N SER A 206 5.31 30.59 -2.25
CA SER A 206 4.09 29.85 -2.55
C SER A 206 3.89 29.74 -4.06
N ALA A 207 4.12 30.84 -4.80
CA ALA A 207 3.99 30.78 -6.24
C ALA A 207 4.96 29.78 -6.85
N ILE A 208 6.20 29.74 -6.34
CA ILE A 208 7.19 28.80 -6.87
C ILE A 208 6.79 27.36 -6.55
N ASN A 209 6.38 27.10 -5.31
CA ASN A 209 6.10 25.73 -4.89
C ASN A 209 4.87 25.17 -5.57
N VAL A 210 3.79 25.95 -5.65
CA VAL A 210 2.55 25.45 -6.23
C VAL A 210 2.73 25.14 -7.71
N GLY A 211 3.38 26.04 -8.44
CA GLY A 211 3.64 25.80 -9.84
C GLY A 211 2.36 25.83 -10.67
N LYS A 212 2.30 24.96 -11.67
CA LYS A 212 1.15 24.88 -12.58
C LYS A 212 0.08 23.93 -12.08
N SER A 213 0.25 23.34 -10.90
CA SER A 213 -0.77 22.44 -10.36
C SER A 213 -2.01 23.18 -9.86
N ILE A 214 -1.93 24.50 -9.69
CA ILE A 214 -3.09 25.26 -9.23
C ILE A 214 -4.19 25.31 -10.28
N MET A 215 -3.84 25.09 -11.56
CA MET A 215 -4.85 25.13 -12.61
C MET A 215 -5.88 24.01 -12.45
N PHE A 216 -5.46 22.89 -11.89
CA PHE A 216 -6.36 21.76 -11.65
C PHE A 216 -7.50 22.00 -10.64
N ALA A 217 -7.19 22.68 -9.54
CA ALA A 217 -8.15 22.91 -8.46
C ALA A 217 -9.05 24.16 -8.54
N MET A 218 -8.84 25.00 -9.53
CA MET A 218 -9.63 26.23 -9.67
C MET A 218 -11.12 25.99 -9.89
N THR A 219 -11.43 24.98 -10.68
CA THR A 219 -12.79 24.63 -11.07
C THR A 219 -13.71 25.80 -10.81
N PRO A 220 -14.64 26.10 -11.74
CA PRO A 220 -15.56 27.22 -11.51
C PRO A 220 -16.37 27.08 -10.23
N LEU A 221 -16.81 25.87 -9.90
CA LEU A 221 -17.60 25.67 -8.69
C LEU A 221 -16.77 25.90 -7.43
N LEU A 222 -15.54 25.37 -7.40
CA LEU A 222 -14.68 25.55 -6.22
C LEU A 222 -14.34 27.02 -6.03
N ILE A 223 -13.96 27.70 -7.13
CA ILE A 223 -13.66 29.12 -7.04
C ILE A 223 -14.88 29.90 -6.58
N ALA A 224 -16.06 29.56 -7.12
CA ALA A 224 -17.28 30.26 -6.74
C ALA A 224 -17.57 30.11 -5.25
N THR A 225 -17.55 28.86 -4.74
CA THR A 225 -17.88 28.68 -3.33
C THR A 225 -16.84 29.31 -2.42
N SER A 226 -15.56 29.18 -2.76
CA SER A 226 -14.50 29.81 -1.97
C SER A 226 -14.50 31.32 -2.09
N SER A 227 -15.20 31.88 -3.07
CA SER A 227 -15.35 33.32 -3.17
C SER A 227 -16.55 33.83 -2.37
N LEU A 228 -17.71 33.17 -2.50
CA LEU A 228 -18.87 33.61 -1.74
C LEU A 228 -18.70 33.38 -0.24
N MET A 229 -18.09 32.27 0.17
CA MET A 229 -18.10 31.93 1.59
C MET A 229 -17.49 33.02 2.48
N PRO A 230 -16.30 33.56 2.21
CA PRO A 230 -15.79 34.63 3.08
C PRO A 230 -16.58 35.93 2.95
N PHE A 231 -17.01 36.29 1.74
CA PHE A 231 -17.81 37.50 1.58
C PHE A 231 -19.15 37.37 2.29
N ILE A 232 -19.78 36.21 2.17
CA ILE A 232 -21.04 35.97 2.87
C ILE A 232 -20.81 36.03 4.38
N GLY A 233 -19.71 35.46 4.86
CA GLY A 233 -19.40 35.56 6.27
C GLY A 233 -19.26 36.98 6.75
N PHE A 234 -18.51 37.79 6.00
CA PHE A 234 -18.35 39.20 6.34
C PHE A 234 -19.69 39.91 6.41
N LEU A 235 -20.49 39.77 5.35
CA LEU A 235 -21.76 40.49 5.27
C LEU A 235 -22.71 40.07 6.38
N LEU A 236 -22.83 38.75 6.61
CA LEU A 236 -23.74 38.26 7.62
C LEU A 236 -23.30 38.65 9.03
N GLY A 237 -22.00 38.59 9.31
CA GLY A 237 -21.52 39.02 10.61
C GLY A 237 -21.77 40.49 10.86
N TYR A 238 -21.51 41.33 9.86
CA TYR A 238 -21.78 42.75 10.01
C TYR A 238 -23.27 43.00 10.22
N VAL A 239 -24.12 42.31 9.46
CA VAL A 239 -25.55 42.53 9.59
C VAL A 239 -26.03 42.12 10.98
N LEU A 240 -25.58 40.97 11.46
CA LEU A 240 -26.00 40.51 12.79
C LEU A 240 -25.51 41.46 13.88
N SER A 241 -24.25 41.90 13.79
CA SER A 241 -23.72 42.80 14.80
C SER A 241 -24.45 44.13 14.81
N ALA A 242 -24.79 44.66 13.63
CA ALA A 242 -25.57 45.88 13.55
C ALA A 242 -26.97 45.67 14.12
N LEU A 243 -27.58 44.52 13.83
CA LEU A 243 -28.94 44.26 14.31
C LEU A 243 -28.97 44.13 15.83
N PHE A 244 -27.90 43.62 16.44
CA PHE A 244 -27.86 43.49 17.89
C PHE A 244 -27.54 44.80 18.60
N CYS A 245 -27.60 45.93 17.90
CA CYS A 245 -27.38 47.26 18.49
C CYS A 245 -26.02 47.32 19.19
N LEU A 246 -24.97 47.07 18.40
CA LEU A 246 -23.60 47.13 18.88
C LEU A 246 -22.92 48.39 18.38
N ASN A 247 -21.81 48.73 19.01
CA ASN A 247 -21.05 49.90 18.62
C ASN A 247 -20.48 49.73 17.21
N GLY A 248 -20.32 50.85 16.51
CA GLY A 248 -19.78 50.79 15.17
C GLY A 248 -18.37 50.21 15.11
N ARG A 249 -17.56 50.49 16.13
CA ARG A 249 -16.22 49.92 16.18
C ARG A 249 -16.27 48.40 16.32
N CYS A 250 -17.19 47.88 17.14
CA CYS A 250 -17.29 46.44 17.34
C CYS A 250 -17.88 45.74 16.12
N ARG A 251 -18.69 46.46 15.32
CA ARG A 251 -19.28 45.86 14.14
C ARG A 251 -18.20 45.35 13.18
N ARG A 252 -17.21 46.21 12.89
CA ARG A 252 -16.18 45.85 11.93
C ARG A 252 -15.37 44.66 12.41
N THR A 253 -14.99 44.63 13.68
CA THR A 253 -14.17 43.52 14.16
C THR A 253 -14.98 42.22 14.22
N VAL A 254 -16.25 42.29 14.64
CA VAL A 254 -17.07 41.08 14.69
C VAL A 254 -17.24 40.51 13.29
N SER A 255 -17.52 41.37 12.31
CA SER A 255 -17.70 40.90 10.95
C SER A 255 -16.42 40.33 10.37
N MET A 256 -15.31 41.05 10.53
CA MET A 256 -14.07 40.66 9.89
C MET A 256 -13.37 39.54 10.66
N GLU A 257 -13.88 39.19 11.85
CA GLU A 257 -13.49 37.97 12.53
C GLU A 257 -14.35 36.78 12.11
N THR A 258 -15.67 36.97 11.98
CA THR A 258 -16.51 35.87 11.53
C THR A 258 -16.28 35.54 10.06
N GLY A 259 -15.69 36.44 9.29
CA GLY A 259 -15.37 36.15 7.90
C GLY A 259 -14.10 35.34 7.72
N CYS A 260 -13.09 35.61 8.55
CA CYS A 260 -11.83 34.89 8.44
C CYS A 260 -11.93 33.51 9.08
N GLN A 261 -11.14 32.58 8.57
CA GLN A 261 -11.15 31.20 9.02
C GLN A 261 -9.73 30.65 9.07
N ASN A 262 -9.52 29.67 9.95
CA ASN A 262 -8.25 28.97 10.05
C ASN A 262 -8.33 27.74 9.15
N VAL A 263 -7.67 27.80 7.99
CA VAL A 263 -7.80 26.76 6.99
C VAL A 263 -6.75 25.65 7.14
N GLN A 264 -5.84 25.78 8.10
CA GLN A 264 -4.86 24.72 8.31
C GLN A 264 -5.53 23.46 8.85
N LEU A 265 -6.53 23.62 9.73
CA LEU A 265 -7.24 22.48 10.29
C LEU A 265 -7.95 21.69 9.20
N CYS A 266 -8.57 22.37 8.24
CA CYS A 266 -9.24 21.69 7.14
C CYS A 266 -8.28 20.85 6.31
N SER A 267 -7.09 21.36 6.02
CA SER A 267 -6.08 20.60 5.30
C SER A 267 -5.59 19.40 6.11
N THR A 268 -5.28 19.59 7.40
CA THR A 268 -4.76 18.49 8.20
C THR A 268 -5.79 17.39 8.37
N ILE A 269 -7.04 17.76 8.65
CA ILE A 269 -8.08 16.75 8.86
C ILE A 269 -8.31 15.95 7.58
N LEU A 270 -8.38 16.65 6.44
CA LEU A 270 -8.60 15.95 5.17
C LEU A 270 -7.42 15.05 4.83
N ASN A 271 -6.20 15.49 5.13
CA ASN A 271 -5.03 14.64 4.87
C ASN A 271 -5.04 13.41 5.76
N VAL A 272 -5.45 13.56 7.02
CA VAL A 272 -5.45 12.42 7.94
C VAL A 272 -6.55 11.43 7.56
N ALA A 273 -7.73 11.94 7.20
CA ALA A 273 -8.88 11.05 7.00
C ALA A 273 -8.81 10.31 5.67
N PHE A 274 -8.29 10.93 4.63
CA PHE A 274 -8.40 10.38 3.29
C PHE A 274 -7.04 10.32 2.60
N PRO A 275 -6.87 9.41 1.64
CA PRO A 275 -5.64 9.37 0.87
C PRO A 275 -5.51 10.58 -0.02
N PRO A 276 -4.29 10.95 -0.43
CA PRO A 276 -4.11 12.15 -1.27
C PRO A 276 -4.85 12.08 -2.60
N GLU A 277 -4.98 10.90 -3.21
CA GLU A 277 -5.61 10.81 -4.51
C GLU A 277 -7.11 11.10 -4.43
N VAL A 278 -7.75 10.74 -3.31
CA VAL A 278 -9.17 11.02 -3.16
C VAL A 278 -9.41 12.53 -3.04
N ILE A 279 -8.52 13.23 -2.35
CA ILE A 279 -8.65 14.66 -2.13
C ILE A 279 -7.78 15.46 -3.09
N GLY A 280 -7.44 14.88 -4.25
CA GLY A 280 -6.50 15.47 -5.17
C GLY A 280 -6.76 16.91 -5.57
N PRO A 281 -7.84 17.15 -6.34
CA PRO A 281 -8.04 18.51 -6.88
C PRO A 281 -8.25 19.56 -5.81
N LEU A 282 -8.88 19.21 -4.68
CA LEU A 282 -9.16 20.18 -3.63
C LEU A 282 -8.11 20.16 -2.53
N PHE A 283 -6.93 19.61 -2.80
CA PHE A 283 -5.81 19.77 -1.87
C PHE A 283 -5.41 21.23 -1.73
N PHE A 284 -5.63 22.04 -2.77
CA PHE A 284 -5.30 23.44 -2.76
C PHE A 284 -6.45 24.33 -2.32
N PHE A 285 -7.57 23.74 -1.91
CA PHE A 285 -8.71 24.56 -1.47
C PHE A 285 -8.38 25.48 -0.31
N PRO A 286 -7.65 25.07 0.74
CA PRO A 286 -7.27 26.04 1.76
C PRO A 286 -6.49 27.22 1.21
N LEU A 287 -5.61 26.99 0.24
CA LEU A 287 -4.87 28.10 -0.36
C LEU A 287 -5.81 29.04 -1.10
N LEU A 288 -6.77 28.48 -1.85
CA LEU A 288 -7.74 29.32 -2.55
C LEU A 288 -8.56 30.14 -1.58
N TYR A 289 -9.02 29.52 -0.49
CA TYR A 289 -9.77 30.25 0.52
C TYR A 289 -8.94 31.36 1.14
N MET A 290 -7.67 31.06 1.44
CA MET A 290 -6.80 32.06 2.05
C MET A 290 -6.60 33.26 1.12
N ILE A 291 -6.30 33.00 -0.15
CA ILE A 291 -6.03 34.11 -1.07
C ILE A 291 -7.31 34.90 -1.34
N PHE A 292 -8.45 34.23 -1.45
CA PHE A 292 -9.70 34.94 -1.70
C PHE A 292 -10.10 35.78 -0.50
N GLN A 293 -9.95 35.24 0.71
CA GLN A 293 -10.28 36.02 1.89
C GLN A 293 -9.31 37.19 2.07
N LEU A 294 -8.04 37.00 1.70
CA LEU A 294 -7.08 38.10 1.77
C LEU A 294 -7.46 39.20 0.79
N GLY A 295 -7.81 38.83 -0.44
CA GLY A 295 -8.22 39.82 -1.43
C GLY A 295 -9.48 40.56 -1.02
N GLU A 296 -10.48 39.83 -0.53
CA GLU A 296 -11.72 40.47 -0.10
C GLU A 296 -11.50 41.37 1.11
N GLY A 297 -10.65 40.96 2.05
CA GLY A 297 -10.34 41.80 3.18
C GLY A 297 -9.61 43.06 2.77
N LEU A 298 -8.66 42.95 1.84
CA LEU A 298 -7.96 44.12 1.34
C LEU A 298 -8.93 45.07 0.64
N LEU A 299 -9.84 44.52 -0.16
CA LEU A 299 -10.83 45.36 -0.83
C LEU A 299 -11.72 46.08 0.18
N LEU A 300 -12.17 45.37 1.21
CA LEU A 300 -13.00 45.98 2.23
C LEU A 300 -12.24 47.06 2.98
N ILE A 301 -10.97 46.81 3.29
CA ILE A 301 -10.15 47.82 3.98
C ILE A 301 -10.01 49.06 3.12
N ALA A 302 -9.74 48.90 1.82
CA ALA A 302 -9.61 50.05 0.94
C ALA A 302 -10.92 50.81 0.85
N ILE A 303 -12.05 50.09 0.75
CA ILE A 303 -13.35 50.75 0.66
C ILE A 303 -13.64 51.53 1.94
N PHE A 304 -13.33 50.94 3.10
CA PHE A 304 -13.56 51.62 4.37
C PHE A 304 -12.68 52.86 4.49
N TRP A 305 -11.43 52.77 4.06
CA TRP A 305 -10.54 53.93 4.12
C TRP A 305 -11.03 55.04 3.20
N CYS A 306 -11.50 54.68 2.00
CA CYS A 306 -12.06 55.69 1.10
C CYS A 306 -13.31 56.32 1.69
N TYR A 307 -14.15 55.52 2.34
CA TYR A 307 -15.34 56.05 3.00
C TYR A 307 -14.97 57.00 4.11
N GLU A 308 -13.95 56.66 4.90
CA GLU A 308 -13.49 57.55 5.96
C GLU A 308 -12.94 58.85 5.39
N LYS A 309 -12.22 58.76 4.27
CA LYS A 309 -11.74 59.97 3.61
C LYS A 309 -12.89 60.87 3.17
N PHE A 310 -14.03 60.27 2.81
CA PHE A 310 -15.21 61.05 2.44
C PHE A 310 -15.81 61.79 3.63
N LYS A 311 -15.50 61.37 4.86
CA LYS A 311 -16.07 61.96 6.06
C LYS A 311 -15.17 63.01 6.68
N THR A 312 -14.40 63.73 5.86
CA THR A 312 -13.55 64.80 6.37
C THR A 312 -13.97 66.15 5.79
N GLY B 1 -6.63 11.79 19.98
CA GLY B 1 -7.04 11.29 18.68
C GLY B 1 -5.88 10.81 17.83
N THR B 2 -6.10 10.69 16.53
CA THR B 2 -5.09 10.25 15.59
C THR B 2 -4.34 11.41 14.94
N ASN B 3 -4.70 12.65 15.25
CA ASN B 3 -4.07 13.82 14.67
C ASN B 3 -3.31 14.57 15.76
N LEU B 4 -2.01 14.74 15.58
CA LEU B 4 -1.15 15.43 16.53
C LEU B 4 -0.39 16.55 15.85
N SER B 5 -1.08 17.34 15.05
CA SER B 5 -0.48 18.46 14.34
C SER B 5 -0.76 19.75 15.11
N VAL B 6 0.27 20.59 15.22
CA VAL B 6 0.13 21.89 15.86
C VAL B 6 -0.22 22.91 14.78
N PRO B 7 -1.48 23.30 14.65
CA PRO B 7 -1.88 24.15 13.52
C PRO B 7 -1.23 25.51 13.55
N ASN B 8 -1.00 26.06 12.37
CA ASN B 8 -0.51 27.42 12.19
C ASN B 8 -1.65 28.27 11.65
N PRO B 9 -2.08 29.31 12.36
CA PRO B 9 -3.23 30.10 11.88
C PRO B 9 -3.04 30.67 10.49
N LEU B 10 -1.83 31.09 10.14
CA LEU B 10 -1.52 31.56 8.80
C LEU B 10 -0.90 30.44 7.97
N GLY B 11 -1.65 29.35 7.84
CA GLY B 11 -1.16 28.19 7.10
C GLY B 11 -2.24 27.62 6.21
N PHE B 12 -1.81 27.09 5.07
CA PHE B 12 -2.71 26.48 4.10
C PHE B 12 -2.30 25.09 3.67
N PHE B 13 -1.14 24.58 4.10
CA PHE B 13 -0.68 23.25 3.76
C PHE B 13 -0.53 22.42 5.03
N PRO B 14 -0.62 21.09 4.92
CA PRO B 14 -0.51 20.25 6.13
C PRO B 14 0.83 20.40 6.84
N ASP B 15 1.90 20.71 6.12
CA ASP B 15 3.22 20.82 6.74
C ASP B 15 3.44 22.16 7.44
N HIS B 16 2.53 23.11 7.31
CA HIS B 16 2.64 24.40 7.98
C HIS B 16 2.19 24.23 9.43
N GLN B 17 3.17 23.96 10.30
CA GLN B 17 2.91 23.73 11.71
C GLN B 17 3.85 24.58 12.55
N LEU B 18 3.54 24.69 13.84
CA LEU B 18 4.31 25.48 14.77
C LEU B 18 5.41 24.68 15.47
N ASP B 19 5.61 23.43 15.07
CA ASP B 19 6.64 22.62 15.69
C ASP B 19 8.02 23.22 15.44
N PRO B 20 8.84 23.40 16.49
CA PRO B 20 10.19 23.96 16.26
C PRO B 20 11.04 23.07 15.37
N ALA B 21 11.19 21.80 15.72
CA ALA B 21 11.87 20.83 14.87
C ALA B 21 10.89 20.37 13.81
N PHE B 22 11.03 20.90 12.59
CA PHE B 22 10.06 20.67 11.52
C PHE B 22 10.20 19.24 11.01
N LYS B 23 9.67 18.30 11.80
CA LYS B 23 9.65 16.91 11.38
C LYS B 23 8.64 16.66 10.27
N ALA B 24 7.64 17.52 10.12
CA ALA B 24 6.66 17.36 9.05
C ALA B 24 7.30 17.50 7.69
N ASN B 25 8.27 18.41 7.56
CA ASN B 25 8.96 18.63 6.29
C ASN B 25 10.04 17.59 6.01
N SER B 26 10.36 16.74 6.97
CA SER B 26 11.39 15.72 6.78
C SER B 26 10.79 14.54 6.00
N GLU B 27 11.55 13.45 5.92
CA GLU B 27 11.10 12.26 5.21
C GLU B 27 10.23 11.35 6.06
N ASN B 28 10.10 11.62 7.36
CA ASN B 28 9.29 10.80 8.27
C ASN B 28 8.35 11.71 9.08
N PRO B 29 7.31 12.24 8.44
CA PRO B 29 6.34 13.06 9.18
C PRO B 29 5.44 12.17 10.03
N ASP B 30 5.48 12.38 11.34
CA ASP B 30 4.74 11.55 12.29
C ASP B 30 3.59 12.29 12.96
N TRP B 31 3.14 13.40 12.37
CA TRP B 31 2.04 14.16 12.95
C TRP B 31 0.69 13.49 12.74
N ASP B 32 0.59 12.50 11.86
CA ASP B 32 -0.63 11.76 11.62
C ASP B 32 -0.40 10.28 11.89
N LEU B 33 -1.34 9.65 12.59
CA LEU B 33 -1.24 8.24 12.96
C LEU B 33 -2.51 7.50 12.55
N ASN B 34 -2.95 7.70 11.32
CA ASN B 34 -4.14 7.04 10.79
C ASN B 34 -3.82 6.37 9.45
N PRO B 35 -3.08 5.27 9.48
CA PRO B 35 -2.89 4.48 8.26
C PRO B 35 -4.17 3.86 7.74
N HIS B 36 -5.19 3.72 8.58
CA HIS B 36 -6.48 3.14 8.19
C HIS B 36 -7.35 4.18 7.49
N LYS B 37 -6.80 4.75 6.42
CA LYS B 37 -7.49 5.79 5.68
C LYS B 37 -8.70 5.22 4.95
N ASP B 38 -9.67 6.09 4.70
CA ASP B 38 -10.91 5.71 4.03
C ASP B 38 -10.83 6.13 2.57
N ASN B 39 -10.92 5.15 1.66
CA ASN B 39 -10.90 5.47 0.23
C ASN B 39 -12.20 6.10 -0.23
N TRP B 40 -13.30 5.91 0.52
CA TRP B 40 -14.58 6.58 0.25
C TRP B 40 -15.02 6.34 -1.19
N PRO B 41 -15.53 5.15 -1.51
CA PRO B 41 -15.90 4.86 -2.90
C PRO B 41 -16.89 5.84 -3.50
N ASP B 42 -17.85 6.35 -2.72
CA ASP B 42 -18.80 7.34 -3.22
C ASP B 42 -18.37 8.77 -2.88
N ALA B 43 -17.06 9.03 -2.87
CA ALA B 43 -16.57 10.38 -2.63
C ALA B 43 -16.93 11.31 -3.77
N ASN B 44 -16.92 10.81 -5.00
CA ASN B 44 -17.14 11.63 -6.18
C ASN B 44 -18.57 11.53 -6.71
N LYS B 45 -19.48 10.96 -5.94
CA LYS B 45 -20.88 10.87 -6.32
C LYS B 45 -21.66 11.99 -5.64
N VAL B 46 -22.50 12.68 -6.43
CA VAL B 46 -23.30 13.78 -5.90
C VAL B 46 -24.49 13.18 -5.17
N GLY B 47 -24.53 13.38 -3.86
CA GLY B 47 -25.62 12.86 -3.05
C GLY B 47 -25.55 11.35 -2.84
N GLU C 1 -21.17 -9.92 -8.99
CA GLU C 1 -19.95 -10.14 -8.23
C GLU C 1 -18.72 -9.65 -9.00
N VAL C 2 -17.83 -8.96 -8.30
CA VAL C 2 -16.65 -8.39 -8.94
C VAL C 2 -15.67 -9.50 -9.30
N GLN C 3 -15.18 -9.46 -10.54
CA GLN C 3 -14.22 -10.44 -11.03
C GLN C 3 -13.21 -9.73 -11.92
N LEU C 4 -11.93 -10.07 -11.73
CA LEU C 4 -10.84 -9.46 -12.48
C LEU C 4 -10.22 -10.50 -13.40
N GLN C 5 -10.04 -10.14 -14.66
CA GLN C 5 -9.46 -11.02 -15.67
C GLN C 5 -8.16 -10.42 -16.18
N GLU C 6 -7.11 -11.24 -16.21
CA GLU C 6 -5.79 -10.80 -16.63
C GLU C 6 -5.55 -11.13 -18.10
N SER C 7 -4.44 -10.59 -18.63
CA SER C 7 -4.15 -10.73 -20.06
C SER C 7 -3.81 -12.17 -20.42
N GLY C 8 -2.92 -12.80 -19.67
CA GLY C 8 -2.49 -14.14 -19.97
C GLY C 8 -0.97 -14.29 -19.94
N PRO C 9 -0.48 -15.50 -20.19
CA PRO C 9 0.96 -15.74 -20.11
C PRO C 9 1.72 -14.96 -21.16
N GLU C 10 2.95 -14.57 -20.82
CA GLU C 10 3.80 -13.78 -21.70
C GLU C 10 5.20 -14.38 -21.72
N LEU C 11 5.91 -14.12 -22.82
CA LEU C 11 7.29 -14.57 -22.98
C LEU C 11 8.04 -13.50 -23.76
N VAL C 12 9.03 -12.88 -23.12
CA VAL C 12 9.73 -11.73 -23.68
C VAL C 12 11.23 -11.95 -23.57
N LYS C 13 11.95 -11.56 -24.62
CA LYS C 13 13.40 -11.56 -24.56
C LYS C 13 13.88 -10.47 -23.60
N PRO C 14 15.07 -10.63 -23.02
CA PRO C 14 15.58 -9.60 -22.11
C PRO C 14 15.73 -8.26 -22.81
N GLY C 15 15.38 -7.20 -22.09
CA GLY C 15 15.46 -5.84 -22.62
C GLY C 15 14.29 -5.40 -23.45
N ASP C 16 13.30 -6.27 -23.67
CA ASP C 16 12.12 -5.93 -24.45
C ASP C 16 10.92 -5.78 -23.54
N SER C 17 10.25 -4.63 -23.61
CA SER C 17 9.17 -4.32 -22.69
C SER C 17 7.96 -5.21 -22.92
N VAL C 18 7.16 -5.38 -21.86
CA VAL C 18 5.93 -6.13 -21.89
C VAL C 18 4.85 -5.31 -21.19
N LYS C 19 3.59 -5.66 -21.46
CA LYS C 19 2.41 -5.00 -20.87
C LYS C 19 1.44 -6.04 -20.27
N MET C 20 0.89 -5.74 -19.08
CA MET C 20 -0.06 -6.62 -18.39
C MET C 20 -1.43 -5.89 -18.33
N SER C 21 -2.52 -6.58 -18.69
CA SER C 21 -3.88 -6.00 -18.70
C SER C 21 -4.78 -6.66 -17.62
N CYS C 22 -5.65 -5.87 -16.97
CA CYS C 22 -6.46 -6.40 -15.87
C CYS C 22 -7.88 -5.89 -16.09
N LYS C 23 -8.69 -6.68 -16.79
CA LYS C 23 -10.04 -6.26 -17.16
C LYS C 23 -10.95 -6.40 -15.94
N ALA C 24 -11.35 -5.28 -15.35
CA ALA C 24 -12.23 -5.29 -14.20
C ALA C 24 -13.69 -5.40 -14.63
N SER C 25 -14.50 -6.01 -13.78
CA SER C 25 -15.92 -6.16 -14.06
C SER C 25 -16.66 -6.37 -12.74
N GLY C 26 -17.98 -6.22 -12.79
CA GLY C 26 -18.82 -6.40 -11.63
C GLY C 26 -19.05 -5.17 -10.79
N TYR C 27 -18.41 -4.05 -11.12
CA TYR C 27 -18.58 -2.81 -10.36
C TYR C 27 -18.24 -1.64 -11.28
N THR C 28 -18.47 -0.42 -10.78
CA THR C 28 -18.34 0.79 -11.59
C THR C 28 -16.90 1.25 -11.74
N PHE C 29 -15.93 0.44 -11.32
CA PHE C 29 -14.52 0.63 -11.65
C PHE C 29 -13.91 1.88 -11.03
N THR C 30 -14.35 3.06 -11.46
CA THR C 30 -13.63 4.28 -11.13
C THR C 30 -13.98 4.80 -9.74
N ASP C 31 -13.95 3.93 -8.73
CA ASP C 31 -13.99 4.39 -7.34
C ASP C 31 -13.13 3.57 -6.41
N TYR C 32 -12.37 2.60 -6.91
CA TYR C 32 -11.58 1.72 -6.07
C TYR C 32 -10.16 1.67 -6.58
N TYR C 33 -9.20 1.65 -5.65
CA TYR C 33 -7.80 1.56 -6.02
C TYR C 33 -7.50 0.21 -6.65
N MET C 34 -6.48 0.19 -7.51
CA MET C 34 -6.00 -1.04 -8.13
C MET C 34 -4.53 -1.20 -7.79
N ASP C 35 -4.22 -2.22 -7.00
CA ASP C 35 -2.85 -2.51 -6.59
C ASP C 35 -2.31 -3.69 -7.38
N TRP C 36 -1.00 -3.68 -7.61
CA TRP C 36 -0.32 -4.76 -8.32
C TRP C 36 0.68 -5.41 -7.39
N VAL C 37 0.67 -6.75 -7.35
CA VAL C 37 1.53 -7.51 -6.46
C VAL C 37 2.32 -8.50 -7.30
N LYS C 38 3.63 -8.59 -7.05
CA LYS C 38 4.52 -9.48 -7.77
C LYS C 38 4.91 -10.65 -6.86
N GLN C 39 4.76 -11.86 -7.37
CA GLN C 39 5.15 -13.06 -6.65
C GLN C 39 6.37 -13.68 -7.33
N ASN C 40 7.39 -13.97 -6.53
CA ASN C 40 8.61 -14.59 -6.99
C ASN C 40 8.33 -16.08 -7.20
N HIS C 41 9.26 -16.78 -7.83
CA HIS C 41 9.09 -18.21 -8.08
C HIS C 41 8.94 -19.00 -6.78
N GLY C 42 9.71 -18.64 -5.77
CA GLY C 42 9.62 -19.31 -4.48
C GLY C 42 8.24 -19.15 -3.85
N LYS C 43 7.65 -17.96 -3.98
CA LYS C 43 6.33 -17.72 -3.41
C LYS C 43 6.33 -16.61 -2.37
N SER C 44 7.14 -15.57 -2.60
CA SER C 44 7.19 -14.41 -1.72
C SER C 44 6.58 -13.21 -2.46
N LEU C 45 5.62 -12.56 -1.82
CA LEU C 45 4.90 -11.46 -2.45
C LEU C 45 5.54 -10.12 -2.11
N GLU C 46 5.54 -9.21 -3.08
CA GLU C 46 5.97 -7.85 -2.89
C GLU C 46 4.95 -6.91 -3.52
N TRP C 47 4.71 -5.78 -2.86
CA TRP C 47 3.72 -4.80 -3.32
C TRP C 47 4.39 -3.82 -4.27
N ILE C 48 3.85 -3.71 -5.48
CA ILE C 48 4.45 -2.84 -6.49
C ILE C 48 3.96 -1.41 -6.34
N GLY C 49 2.66 -1.20 -6.46
CA GLY C 49 2.11 0.14 -6.36
C GLY C 49 0.62 0.10 -6.60
N TYR C 50 0.02 1.29 -6.62
CA TYR C 50 -1.41 1.43 -6.83
C TYR C 50 -1.67 2.55 -7.84
N ILE C 51 -2.89 2.53 -8.39
CA ILE C 51 -3.34 3.58 -9.30
C ILE C 51 -4.79 3.91 -8.96
N TYR C 52 -5.10 5.20 -8.95
CA TYR C 52 -6.47 5.64 -8.72
C TYR C 52 -7.15 5.85 -10.07
N PRO C 53 -8.14 5.03 -10.43
CA PRO C 53 -8.73 5.14 -11.77
C PRO C 53 -9.37 6.49 -12.05
N TYR C 54 -9.87 7.18 -11.03
CA TYR C 54 -10.61 8.42 -11.27
C TYR C 54 -9.72 9.50 -11.87
N ASN C 55 -8.50 9.65 -11.35
CA ASN C 55 -7.60 10.69 -11.82
C ASN C 55 -6.23 10.18 -12.25
N GLY C 56 -5.99 8.88 -12.22
CA GLY C 56 -4.73 8.33 -12.65
C GLY C 56 -3.57 8.52 -11.69
N GLY C 57 -3.84 8.95 -10.47
CA GLY C 57 -2.78 9.08 -9.47
C GLY C 57 -2.12 7.77 -9.16
N THR C 58 -0.79 7.73 -9.21
CA THR C 58 -0.02 6.52 -9.01
C THR C 58 1.03 6.73 -7.94
N ASN C 59 1.46 5.63 -7.33
CA ASN C 59 2.55 5.66 -6.35
C ASN C 59 3.13 4.26 -6.27
N TYR C 60 4.38 4.11 -6.65
CA TYR C 60 5.02 2.81 -6.75
C TYR C 60 5.94 2.56 -5.57
N ASN C 61 6.35 1.30 -5.43
CA ASN C 61 7.39 0.95 -4.47
C ASN C 61 8.73 1.51 -4.93
N GLN C 62 9.64 1.67 -3.97
CA GLN C 62 10.95 2.22 -4.29
C GLN C 62 11.72 1.32 -5.27
N LYS C 63 11.64 0.00 -5.06
CA LYS C 63 12.34 -0.92 -5.95
C LYS C 63 11.79 -0.86 -7.37
N PHE C 64 10.47 -0.77 -7.50
CA PHE C 64 9.81 -0.84 -8.80
C PHE C 64 9.56 0.52 -9.43
N LYS C 65 10.12 1.59 -8.85
CA LYS C 65 9.89 2.91 -9.40
C LYS C 65 10.43 3.03 -10.82
N GLY C 66 11.61 2.45 -11.06
CA GLY C 66 12.22 2.55 -12.38
C GLY C 66 11.47 1.80 -13.46
N LYS C 67 10.93 0.62 -13.12
CA LYS C 67 10.43 -0.33 -14.12
C LYS C 67 8.98 -0.70 -13.84
N ALA C 68 8.13 0.29 -13.62
CA ALA C 68 6.70 0.03 -13.47
C ALA C 68 5.93 1.29 -13.83
N THR C 69 5.10 1.22 -14.86
CA THR C 69 4.23 2.31 -15.25
C THR C 69 2.80 1.80 -15.28
N LEU C 70 1.89 2.51 -14.65
CA LEU C 70 0.50 2.08 -14.48
C LEU C 70 -0.43 3.01 -15.23
N THR C 71 -1.25 2.45 -16.10
CA THR C 71 -2.31 3.17 -16.81
C THR C 71 -3.64 2.49 -16.53
N VAL C 72 -4.73 3.19 -16.80
CA VAL C 72 -6.05 2.76 -16.36
C VAL C 72 -7.00 2.51 -17.52
N ASP C 73 -7.00 3.38 -18.54
CA ASP C 73 -7.93 3.28 -19.67
C ASP C 73 -9.37 3.11 -19.13
N LYS C 74 -9.85 4.17 -18.50
CA LYS C 74 -11.14 4.13 -17.83
C LYS C 74 -12.29 3.84 -18.78
N SER C 75 -12.13 4.12 -20.08
CA SER C 75 -13.20 3.83 -21.04
C SER C 75 -13.46 2.34 -21.13
N SER C 76 -12.41 1.53 -21.19
CA SER C 76 -12.54 0.07 -21.26
C SER C 76 -12.43 -0.60 -19.90
N SER C 77 -12.09 0.15 -18.84
CA SER C 77 -11.99 -0.39 -17.48
C SER C 77 -11.00 -1.56 -17.41
N THR C 78 -9.83 -1.36 -18.00
CA THR C 78 -8.76 -2.36 -17.99
C THR C 78 -7.46 -1.67 -17.61
N ALA C 79 -7.00 -1.92 -16.38
CA ALA C 79 -5.73 -1.36 -15.93
C ALA C 79 -4.57 -2.06 -16.63
N TYR C 80 -3.47 -1.31 -16.80
CA TYR C 80 -2.29 -1.83 -17.48
C TYR C 80 -1.06 -1.61 -16.61
N MET C 81 -0.03 -2.42 -16.85
CA MET C 81 1.26 -2.26 -16.21
C MET C 81 2.35 -2.57 -17.23
N GLU C 82 3.38 -1.73 -17.26
CA GLU C 82 4.51 -1.92 -18.17
C GLU C 82 5.79 -2.06 -17.35
N LEU C 83 6.73 -2.85 -17.88
CA LEU C 83 7.96 -3.15 -17.16
C LEU C 83 9.22 -2.63 -17.83
N HIS C 84 9.15 -2.15 -19.07
CA HIS C 84 10.28 -1.55 -19.77
C HIS C 84 11.45 -2.52 -19.90
N SER C 85 12.55 -2.24 -19.18
CA SER C 85 13.76 -3.06 -19.28
C SER C 85 13.64 -4.21 -18.27
N LEU C 86 13.34 -5.40 -18.79
CA LEU C 86 13.24 -6.60 -17.96
C LEU C 86 14.52 -7.41 -18.05
N THR C 87 15.05 -7.79 -16.89
CA THR C 87 16.15 -8.72 -16.81
C THR C 87 15.61 -10.10 -16.42
N SER C 88 16.52 -11.07 -16.34
CA SER C 88 16.11 -12.42 -15.96
C SER C 88 15.75 -12.55 -14.48
N GLU C 89 16.08 -11.55 -13.66
CA GLU C 89 15.80 -11.63 -12.24
C GLU C 89 14.31 -11.47 -11.95
N ASP C 90 13.61 -10.63 -12.72
CA ASP C 90 12.18 -10.46 -12.54
C ASP C 90 11.43 -11.42 -13.48
N SER C 91 10.48 -12.14 -12.92
CA SER C 91 9.73 -13.16 -13.64
C SER C 91 8.52 -13.54 -12.80
N ALA C 92 7.86 -14.63 -13.20
CA ALA C 92 6.77 -15.23 -12.44
C ALA C 92 5.53 -14.35 -12.38
N VAL C 93 4.57 -14.73 -11.55
CA VAL C 93 3.21 -14.22 -11.65
C VAL C 93 3.12 -12.79 -11.14
N TYR C 94 2.35 -11.98 -11.83
CA TYR C 94 1.98 -10.63 -11.39
C TYR C 94 0.48 -10.57 -11.21
N TYR C 95 0.03 -10.10 -10.06
CA TYR C 95 -1.38 -10.06 -9.70
C TYR C 95 -1.89 -8.63 -9.67
N CYS C 96 -3.12 -8.43 -10.12
CA CYS C 96 -3.82 -7.16 -9.98
C CYS C 96 -4.94 -7.33 -8.95
N ALA C 97 -4.98 -6.44 -7.97
CA ALA C 97 -5.94 -6.52 -6.88
C ALA C 97 -6.69 -5.21 -6.76
N ARG C 98 -7.94 -5.29 -6.33
CA ARG C 98 -8.80 -4.14 -6.16
C ARG C 98 -8.95 -3.86 -4.67
N ARG C 99 -8.31 -2.79 -4.21
CA ARG C 99 -8.42 -2.41 -2.80
C ARG C 99 -9.83 -1.92 -2.50
N GLY C 100 -10.38 -2.39 -1.39
CA GLY C 100 -11.75 -2.07 -1.05
C GLY C 100 -11.90 -1.24 0.21
N ARG C 101 -12.42 -0.01 0.05
CA ARG C 101 -12.65 0.90 1.18
C ARG C 101 -11.37 1.13 1.97
N PHE C 102 -11.21 0.40 3.06
CA PHE C 102 -10.03 0.52 3.89
C PHE C 102 -8.85 -0.21 3.26
N PRO C 103 -7.61 0.13 3.66
CA PRO C 103 -6.45 -0.39 2.92
C PRO C 103 -6.24 -1.89 3.06
N TRP C 104 -7.04 -2.68 2.34
CA TRP C 104 -6.82 -4.10 2.22
C TRP C 104 -7.17 -4.54 0.81
N LEU C 105 -6.41 -5.49 0.28
CA LEU C 105 -6.64 -6.01 -1.07
C LEU C 105 -7.81 -6.98 -1.04
N ALA C 106 -8.90 -6.64 -1.72
CA ALA C 106 -10.15 -7.38 -1.59
C ALA C 106 -10.29 -8.49 -2.62
N TYR C 107 -10.22 -8.14 -3.91
CA TYR C 107 -10.44 -9.11 -4.97
C TYR C 107 -9.22 -9.15 -5.88
N TRP C 108 -8.76 -10.35 -6.19
CA TRP C 108 -7.53 -10.56 -6.94
C TRP C 108 -7.83 -11.19 -8.30
N GLY C 109 -6.94 -10.93 -9.26
CA GLY C 109 -7.02 -11.58 -10.54
C GLY C 109 -6.41 -12.98 -10.51
N GLN C 110 -6.55 -13.67 -11.64
CA GLN C 110 -6.00 -15.02 -11.73
C GLN C 110 -4.48 -15.02 -11.84
N GLY C 111 -3.88 -13.90 -12.20
CA GLY C 111 -2.44 -13.80 -12.28
C GLY C 111 -1.89 -13.96 -13.69
N THR C 112 -0.90 -13.15 -14.04
CA THR C 112 -0.25 -13.19 -15.33
C THR C 112 1.19 -13.65 -15.16
N LEU C 113 1.56 -14.71 -15.88
CA LEU C 113 2.90 -15.27 -15.80
C LEU C 113 3.79 -14.61 -16.84
N VAL C 114 4.95 -14.12 -16.39
CA VAL C 114 5.92 -13.46 -17.25
C VAL C 114 7.24 -14.22 -17.16
N THR C 115 7.77 -14.61 -18.32
CA THR C 115 9.06 -15.29 -18.39
C THR C 115 10.01 -14.47 -19.25
N VAL C 116 11.22 -14.22 -18.76
CA VAL C 116 12.18 -13.47 -19.55
C VAL C 116 13.35 -14.37 -19.94
N SER C 117 13.52 -14.60 -21.23
CA SER C 117 14.62 -15.44 -21.73
C SER C 117 14.94 -15.12 -23.18
N ALA C 118 16.19 -15.38 -23.59
CA ALA C 118 16.61 -15.14 -24.97
C ALA C 118 16.60 -16.42 -25.79
N ALA C 119 16.30 -17.55 -25.16
CA ALA C 119 16.29 -18.84 -25.83
C ALA C 119 15.13 -19.06 -26.79
N LYS C 120 15.38 -19.79 -27.87
CA LYS C 120 14.36 -20.10 -28.85
C LYS C 120 13.69 -21.43 -28.52
N THR C 121 12.52 -21.64 -29.11
CA THR C 121 11.79 -22.89 -28.92
C THR C 121 12.59 -24.06 -29.45
N THR C 122 12.69 -25.13 -28.66
CA THR C 122 13.48 -26.29 -29.02
C THR C 122 12.69 -27.55 -28.67
N PRO C 123 12.58 -28.50 -29.60
CA PRO C 123 11.93 -29.77 -29.28
C PRO C 123 12.70 -30.51 -28.19
N PRO C 124 11.99 -31.19 -27.28
CA PRO C 124 12.68 -31.91 -26.22
C PRO C 124 13.41 -33.14 -26.74
N SER C 125 14.47 -33.51 -26.03
CA SER C 125 15.21 -34.73 -26.30
C SER C 125 14.86 -35.75 -25.24
N VAL C 126 14.34 -36.90 -25.67
CA VAL C 126 13.79 -37.91 -24.76
C VAL C 126 14.82 -39.02 -24.57
N TYR C 127 15.15 -39.29 -23.32
CA TYR C 127 16.14 -40.32 -22.98
C TYR C 127 15.49 -41.38 -22.10
N PRO C 128 15.30 -42.59 -22.60
CA PRO C 128 14.66 -43.63 -21.78
C PRO C 128 15.67 -44.32 -20.87
N LEU C 129 15.23 -44.58 -19.65
CA LEU C 129 16.09 -45.13 -18.60
C LEU C 129 15.45 -46.40 -18.05
N ALA C 130 16.24 -47.46 -17.99
CA ALA C 130 15.79 -48.77 -17.52
C ALA C 130 16.71 -49.26 -16.40
N PRO C 131 16.22 -50.13 -15.51
CA PRO C 131 17.06 -50.62 -14.42
C PRO C 131 18.30 -51.34 -14.95
N GLY C 132 19.41 -51.15 -14.24
CA GLY C 132 20.69 -51.70 -14.66
C GLY C 132 20.84 -53.18 -14.38
N CYS C 133 22.04 -53.59 -14.01
CA CYS C 133 22.36 -54.98 -13.76
C CYS C 133 21.99 -55.45 -12.36
N GLY C 134 21.46 -54.57 -11.52
CA GLY C 134 21.06 -54.98 -10.18
C GLY C 134 19.97 -56.04 -10.20
N ASP C 135 18.96 -55.86 -11.04
CA ASP C 135 17.89 -56.85 -11.25
C ASP C 135 17.17 -57.20 -9.96
N THR C 136 17.07 -56.24 -9.04
CA THR C 136 16.34 -56.45 -7.79
C THR C 136 14.86 -56.23 -8.05
N THR C 137 14.22 -57.25 -8.64
CA THR C 137 12.81 -57.15 -9.00
C THR C 137 11.93 -57.02 -7.75
N GLY C 138 12.13 -57.90 -6.79
CA GLY C 138 11.30 -57.87 -5.59
C GLY C 138 9.84 -58.09 -5.94
N SER C 139 8.99 -57.16 -5.51
CA SER C 139 7.56 -57.21 -5.81
C SER C 139 7.17 -56.38 -7.02
N SER C 140 7.77 -55.19 -7.18
CA SER C 140 7.45 -54.32 -8.30
C SER C 140 8.72 -53.59 -8.74
N VAL C 141 8.70 -53.13 -9.98
CA VAL C 141 9.82 -52.42 -10.58
C VAL C 141 9.35 -51.04 -11.01
N THR C 142 10.17 -50.02 -10.72
CA THR C 142 9.85 -48.65 -11.07
C THR C 142 10.55 -48.26 -12.37
N LEU C 143 9.78 -47.71 -13.30
CA LEU C 143 10.28 -47.28 -14.60
C LEU C 143 10.05 -45.78 -14.75
N GLY C 144 10.66 -45.19 -15.77
CA GLY C 144 10.52 -43.77 -16.00
C GLY C 144 10.94 -43.37 -17.41
N CYS C 145 10.70 -42.10 -17.71
CA CYS C 145 11.12 -41.47 -18.96
C CYS C 145 11.63 -40.08 -18.65
N LEU C 146 12.75 -39.70 -19.26
CA LEU C 146 13.41 -38.44 -18.98
C LEU C 146 13.53 -37.60 -20.25
N VAL C 147 13.20 -36.32 -20.15
CA VAL C 147 13.30 -35.40 -21.27
C VAL C 147 14.10 -34.17 -20.81
N LYS C 148 14.72 -33.50 -21.79
CA LYS C 148 15.49 -32.29 -21.50
C LYS C 148 15.73 -31.54 -22.80
N GLY C 149 16.06 -30.26 -22.65
CA GLY C 149 16.42 -29.42 -23.76
C GLY C 149 15.31 -28.52 -24.27
N TYR C 150 14.07 -28.81 -23.94
CA TYR C 150 12.95 -28.00 -24.42
C TYR C 150 12.90 -26.67 -23.66
N PHE C 151 12.82 -25.57 -24.40
CA PHE C 151 12.77 -24.26 -23.78
C PHE C 151 11.38 -23.93 -23.21
N PRO C 152 10.30 -23.91 -24.00
CA PRO C 152 9.02 -23.46 -23.46
C PRO C 152 8.43 -24.51 -22.52
N GLU C 153 7.93 -24.04 -21.37
CA GLU C 153 7.42 -24.93 -20.32
C GLU C 153 5.99 -25.35 -20.65
N SER C 154 5.89 -26.18 -21.69
CA SER C 154 4.59 -26.69 -22.12
C SER C 154 4.66 -28.18 -22.43
N VAL C 155 5.54 -28.91 -21.76
CA VAL C 155 5.69 -30.33 -22.00
C VAL C 155 4.62 -31.10 -21.24
N THR C 156 4.15 -32.19 -21.84
CA THR C 156 3.23 -33.10 -21.17
C THR C 156 3.60 -34.52 -21.58
N VAL C 157 3.78 -35.40 -20.62
CA VAL C 157 4.13 -36.78 -20.91
C VAL C 157 3.16 -37.78 -20.29
N THR C 158 2.59 -38.64 -21.12
CA THR C 158 1.68 -39.66 -20.65
C THR C 158 2.10 -41.00 -21.20
N TRP C 159 2.12 -42.04 -20.37
CA TRP C 159 2.50 -43.36 -20.86
C TRP C 159 1.47 -43.92 -21.83
N ASN C 160 0.19 -43.89 -21.46
CA ASN C 160 -0.90 -44.39 -22.29
C ASN C 160 -0.70 -45.84 -22.70
N SER C 161 0.19 -46.55 -21.99
CA SER C 161 0.46 -47.96 -22.28
C SER C 161 0.97 -48.59 -20.98
N GLY C 162 0.08 -49.29 -20.29
CA GLY C 162 0.43 -49.87 -19.01
C GLY C 162 0.54 -48.89 -17.87
N SER C 163 0.10 -47.64 -18.07
CA SER C 163 0.20 -46.64 -17.00
C SER C 163 -0.63 -47.02 -15.79
N LEU C 164 -1.84 -47.54 -16.02
CA LEU C 164 -2.76 -47.95 -14.96
C LEU C 164 -3.11 -46.78 -14.04
N SER C 165 -3.08 -45.56 -14.57
CA SER C 165 -3.48 -44.35 -13.85
C SER C 165 -2.60 -44.10 -12.64
N SER C 166 -2.69 -44.98 -11.64
CA SER C 166 -1.95 -44.81 -10.41
C SER C 166 -0.48 -45.17 -10.61
N SER C 167 0.30 -45.02 -9.53
CA SER C 167 1.74 -45.32 -9.54
C SER C 167 2.46 -44.52 -10.62
N VAL C 168 2.05 -43.28 -10.83
CA VAL C 168 2.66 -42.39 -11.79
C VAL C 168 3.06 -41.11 -11.08
N HIS C 169 4.32 -40.73 -11.19
CA HIS C 169 4.86 -39.53 -10.56
C HIS C 169 5.43 -38.60 -11.63
N THR C 170 5.05 -37.33 -11.56
CA THR C 170 5.58 -36.30 -12.44
C THR C 170 6.32 -35.26 -11.60
N PHE C 171 7.27 -34.58 -12.23
CA PHE C 171 8.09 -33.63 -11.51
C PHE C 171 8.18 -32.31 -12.26
N PRO C 172 8.25 -31.19 -11.54
CA PRO C 172 8.33 -29.89 -12.20
C PRO C 172 9.65 -29.73 -12.96
N ALA C 173 9.60 -28.93 -14.00
CA ALA C 173 10.77 -28.69 -14.83
C ALA C 173 11.79 -27.83 -14.07
N LEU C 174 13.06 -28.04 -14.39
CA LEU C 174 14.17 -27.33 -13.77
C LEU C 174 14.98 -26.60 -14.83
N LEU C 175 15.63 -25.51 -14.42
CA LEU C 175 16.41 -24.67 -15.32
C LEU C 175 17.90 -24.98 -15.11
N GLN C 176 18.49 -25.73 -16.03
CA GLN C 176 19.92 -25.97 -15.96
C GLN C 176 20.71 -24.82 -16.58
N SER C 177 20.53 -24.60 -17.88
CA SER C 177 21.13 -23.44 -18.54
C SER C 177 20.20 -23.07 -19.72
N GLY C 178 19.28 -22.15 -19.47
CA GLY C 178 18.40 -21.66 -20.52
C GLY C 178 17.31 -22.62 -20.95
N LEU C 179 17.52 -23.92 -20.73
CA LEU C 179 16.59 -24.95 -21.17
C LEU C 179 16.02 -25.70 -19.97
N TYR C 180 14.84 -26.27 -20.16
CA TYR C 180 14.11 -26.96 -19.11
C TYR C 180 14.37 -28.46 -19.17
N THR C 181 14.46 -29.09 -17.99
CA THR C 181 14.58 -30.53 -17.87
C THR C 181 13.51 -31.04 -16.91
N MET C 182 12.88 -32.15 -17.26
CA MET C 182 11.87 -32.76 -16.42
C MET C 182 11.86 -34.26 -16.66
N SER C 183 11.29 -34.99 -15.70
CA SER C 183 11.23 -36.44 -15.80
C SER C 183 9.98 -36.93 -15.09
N SER C 184 9.62 -38.18 -15.40
CA SER C 184 8.47 -38.82 -14.78
C SER C 184 8.83 -40.27 -14.45
N SER C 185 8.12 -40.83 -13.48
CA SER C 185 8.38 -42.18 -13.01
C SER C 185 7.08 -42.96 -12.92
N VAL C 186 7.15 -44.26 -13.21
CA VAL C 186 6.01 -45.17 -13.11
C VAL C 186 6.47 -46.44 -12.41
N THR C 187 5.56 -47.04 -11.64
CA THR C 187 5.81 -48.31 -10.97
C THR C 187 4.94 -49.38 -11.60
N VAL C 188 5.56 -50.51 -11.94
CA VAL C 188 4.86 -51.59 -12.62
C VAL C 188 5.07 -52.88 -11.82
N PRO C 189 4.08 -53.78 -11.77
CA PRO C 189 4.30 -55.06 -11.11
C PRO C 189 5.41 -55.86 -11.79
N SER C 190 6.10 -56.66 -10.99
CA SER C 190 7.24 -57.42 -11.50
C SER C 190 6.78 -58.44 -12.55
N SER C 191 7.71 -58.79 -13.44
CA SER C 191 7.52 -59.72 -14.56
C SER C 191 6.56 -59.19 -15.62
N THR C 192 6.05 -57.97 -15.48
CA THR C 192 5.16 -57.40 -16.47
C THR C 192 5.91 -56.56 -17.49
N TRP C 193 6.77 -55.65 -17.02
CA TRP C 193 7.55 -54.81 -17.94
C TRP C 193 8.47 -55.61 -18.85
N PRO C 194 9.23 -56.60 -18.37
CA PRO C 194 10.07 -57.38 -19.31
C PRO C 194 9.27 -58.13 -20.35
N SER C 195 7.99 -58.39 -20.11
CA SER C 195 7.14 -59.08 -21.06
C SER C 195 6.20 -58.16 -21.83
N GLN C 196 5.58 -57.20 -21.14
CA GLN C 196 4.70 -56.22 -21.77
C GLN C 196 5.43 -54.90 -21.92
N THR C 197 5.40 -54.34 -23.13
CA THR C 197 6.02 -53.05 -23.37
C THR C 197 5.24 -51.94 -22.68
N VAL C 198 5.96 -50.94 -22.20
CA VAL C 198 5.38 -49.84 -21.44
C VAL C 198 5.46 -48.52 -22.19
N THR C 199 6.61 -48.24 -22.83
CA THR C 199 6.85 -47.02 -23.60
C THR C 199 6.68 -45.76 -22.76
N CYS C 200 6.85 -44.60 -23.38
CA CYS C 200 6.64 -43.30 -22.73
C CYS C 200 6.44 -42.26 -23.81
N SER C 201 5.26 -41.65 -23.84
CA SER C 201 4.90 -40.68 -24.88
C SER C 201 4.97 -39.27 -24.30
N VAL C 202 5.62 -38.37 -25.04
CA VAL C 202 5.80 -36.99 -24.63
C VAL C 202 5.34 -36.08 -25.76
N ALA C 203 4.52 -35.10 -25.42
CA ALA C 203 3.97 -34.16 -26.39
C ALA C 203 4.42 -32.75 -26.05
N HIS C 204 4.88 -32.02 -27.06
CA HIS C 204 5.35 -30.63 -26.90
C HIS C 204 4.58 -29.77 -27.88
N PRO C 205 3.40 -29.28 -27.49
CA PRO C 205 2.58 -28.49 -28.43
C PRO C 205 3.25 -27.23 -28.94
N ALA C 206 4.12 -26.60 -28.13
CA ALA C 206 4.75 -25.36 -28.56
C ALA C 206 5.61 -25.57 -29.80
N SER C 207 6.37 -26.66 -29.84
CA SER C 207 7.17 -27.00 -31.01
C SER C 207 6.42 -27.91 -31.98
N SER C 208 5.18 -28.29 -31.65
CA SER C 208 4.37 -29.16 -32.49
C SER C 208 5.09 -30.48 -32.80
N THR C 209 5.76 -31.04 -31.79
CA THR C 209 6.50 -32.28 -31.92
C THR C 209 5.99 -33.29 -30.89
N THR C 210 5.85 -34.53 -31.32
CA THR C 210 5.42 -35.63 -30.46
C THR C 210 6.39 -36.78 -30.61
N VAL C 211 6.86 -37.31 -29.48
CA VAL C 211 7.80 -38.42 -29.45
C VAL C 211 7.18 -39.56 -28.65
N ASP C 212 7.15 -40.74 -29.24
CA ASP C 212 6.63 -41.94 -28.57
C ASP C 212 7.61 -43.07 -28.84
N LYS C 213 8.39 -43.43 -27.81
CA LYS C 213 9.40 -44.48 -27.95
C LYS C 213 9.30 -45.44 -26.77
N LYS C 214 9.74 -46.67 -27.02
CA LYS C 214 9.80 -47.71 -26.01
C LYS C 214 11.25 -47.93 -25.58
N LEU C 215 11.42 -48.54 -24.41
CA LEU C 215 12.73 -48.80 -23.83
C LEU C 215 12.92 -50.29 -23.67
N GLU C 216 13.97 -50.82 -24.29
CA GLU C 216 14.33 -52.23 -24.16
C GLU C 216 15.05 -52.47 -22.83
N PRO C 217 14.75 -53.58 -22.16
CA PRO C 217 15.47 -53.89 -20.91
C PRO C 217 16.97 -54.01 -21.14
N SER C 218 17.75 -53.49 -20.20
CA SER C 218 19.19 -53.51 -20.33
C SER C 218 19.74 -54.91 -20.14
N GLY C 219 20.85 -55.19 -20.82
CA GLY C 219 21.50 -56.49 -20.75
C GLY C 219 22.73 -56.60 -21.63
N ASP D 1 11.30 0.74 6.33
CA ASP D 1 10.80 -0.55 5.82
C ASP D 1 10.67 -1.55 6.96
N ILE D 2 9.48 -2.14 7.08
CA ILE D 2 9.19 -3.13 8.11
C ILE D 2 9.38 -4.51 7.49
N VAL D 3 10.20 -5.33 8.14
CA VAL D 3 10.45 -6.70 7.70
C VAL D 3 9.47 -7.62 8.42
N MET D 4 8.64 -8.31 7.66
CA MET D 4 7.64 -9.22 8.21
C MET D 4 8.19 -10.64 8.18
N THR D 5 8.21 -11.30 9.34
CA THR D 5 8.76 -12.63 9.48
C THR D 5 7.67 -13.58 9.99
N GLN D 6 7.64 -14.78 9.44
CA GLN D 6 6.74 -15.84 9.88
C GLN D 6 7.59 -16.97 10.46
N THR D 7 7.17 -17.48 11.62
CA THR D 7 8.03 -18.39 12.39
C THR D 7 8.31 -19.68 11.63
N THR D 8 7.29 -20.27 11.04
CA THR D 8 7.41 -21.58 10.40
C THR D 8 7.08 -21.48 8.91
N SER D 9 7.88 -22.15 8.10
CA SER D 9 7.65 -22.15 6.65
C SER D 9 6.69 -23.25 6.22
N SER D 10 6.70 -24.40 6.89
CA SER D 10 5.79 -25.48 6.59
C SER D 10 5.21 -26.00 7.89
N LEU D 11 3.89 -26.22 7.90
CA LEU D 11 3.20 -26.65 9.11
C LEU D 11 2.29 -27.82 8.77
N SER D 12 2.29 -28.83 9.63
CA SER D 12 1.42 -29.99 9.48
C SER D 12 0.20 -29.81 10.38
N ALA D 13 -0.98 -30.14 9.83
CA ALA D 13 -2.24 -29.82 10.50
C ALA D 13 -3.18 -31.00 10.69
N SER D 14 -3.03 -32.07 9.92
CA SER D 14 -3.98 -33.20 9.95
C SER D 14 -5.37 -32.67 9.57
N LEU D 15 -6.43 -33.29 10.07
CA LEU D 15 -7.79 -32.89 9.74
C LEU D 15 -8.59 -32.71 11.03
N GLY D 16 -9.49 -31.74 11.03
CA GLY D 16 -10.28 -31.45 12.21
C GLY D 16 -9.49 -31.02 13.41
N ASP D 17 -8.42 -30.29 13.13
CA ASP D 17 -7.53 -29.70 14.12
C ASP D 17 -7.40 -28.22 13.73
N ARG D 18 -7.09 -27.36 14.68
CA ARG D 18 -6.96 -25.92 14.41
C ARG D 18 -5.49 -25.50 14.34
N VAL D 19 -5.10 -24.81 13.28
CA VAL D 19 -3.71 -24.37 13.13
C VAL D 19 -3.56 -22.87 13.39
N THR D 20 -2.65 -22.51 14.29
CA THR D 20 -2.46 -21.09 14.56
C THR D 20 -1.22 -20.61 13.81
N ILE D 21 -1.44 -19.80 12.79
CA ILE D 21 -0.33 -19.28 11.99
C ILE D 21 0.18 -18.02 12.68
N SER D 22 1.45 -18.04 13.09
CA SER D 22 2.04 -16.95 13.85
C SER D 22 2.86 -16.05 12.94
N CYS D 23 2.57 -14.76 12.98
CA CYS D 23 3.29 -13.75 12.21
C CYS D 23 3.85 -12.71 13.17
N ARG D 24 5.13 -12.39 13.00
CA ARG D 24 5.82 -11.45 13.86
C ARG D 24 6.35 -10.28 13.05
N ALA D 25 6.20 -9.07 13.57
CA ALA D 25 6.61 -7.85 12.90
C ALA D 25 7.95 -7.36 13.42
N SER D 26 8.71 -6.71 12.54
CA SER D 26 9.99 -6.14 12.94
C SER D 26 9.80 -5.05 13.99
N GLN D 27 8.80 -4.18 13.80
CA GLN D 27 8.48 -3.13 14.75
C GLN D 27 6.97 -3.12 14.98
N ASP D 28 6.55 -2.34 15.98
CA ASP D 28 5.13 -2.27 16.31
C ASP D 28 4.34 -1.68 15.15
N ILE D 29 3.21 -2.32 14.83
CA ILE D 29 2.32 -1.82 13.80
C ILE D 29 0.94 -1.46 14.34
N SER D 30 0.54 -1.98 15.51
CA SER D 30 -0.68 -1.57 16.19
C SER D 30 -1.93 -1.83 15.34
N ASN D 31 -2.17 -3.11 15.08
CA ASN D 31 -3.45 -3.60 14.56
C ASN D 31 -3.71 -3.11 13.12
N TYR D 32 -2.70 -3.18 12.28
CA TYR D 32 -2.82 -2.82 10.87
C TYR D 32 -2.29 -3.95 9.99
N LEU D 33 -2.75 -5.18 10.27
CA LEU D 33 -2.28 -6.37 9.57
C LEU D 33 -3.44 -7.08 8.90
N ASN D 34 -3.20 -7.63 7.71
CA ASN D 34 -4.18 -8.37 6.96
C ASN D 34 -3.68 -9.79 6.70
N TRP D 35 -4.61 -10.69 6.42
CA TRP D 35 -4.31 -12.08 6.15
C TRP D 35 -4.85 -12.48 4.78
N TYR D 36 -4.02 -13.18 4.01
CA TYR D 36 -4.39 -13.65 2.68
C TYR D 36 -4.12 -15.14 2.57
N GLN D 37 -4.94 -15.81 1.77
CA GLN D 37 -4.82 -17.24 1.52
C GLN D 37 -4.68 -17.47 0.03
N GLN D 38 -3.63 -18.19 -0.36
CA GLN D 38 -3.37 -18.52 -1.77
C GLN D 38 -3.50 -20.03 -1.94
N LYS D 39 -4.53 -20.45 -2.67
CA LYS D 39 -4.72 -21.86 -2.96
C LYS D 39 -3.64 -22.32 -3.94
N PRO D 40 -3.43 -23.64 -4.05
CA PRO D 40 -2.38 -24.13 -4.95
C PRO D 40 -2.54 -23.67 -6.39
N ASP D 41 -3.77 -23.49 -6.85
CA ASP D 41 -4.01 -22.98 -8.20
C ASP D 41 -4.18 -21.45 -8.20
N GLY D 42 -3.20 -20.75 -7.64
CA GLY D 42 -3.30 -19.30 -7.57
C GLY D 42 -4.44 -18.85 -6.68
N THR D 43 -5.37 -18.10 -7.27
CA THR D 43 -6.61 -17.63 -6.63
C THR D 43 -6.38 -17.15 -5.20
N VAL D 44 -5.59 -16.08 -5.07
CA VAL D 44 -5.34 -15.48 -3.77
C VAL D 44 -6.63 -14.86 -3.25
N ARG D 45 -6.95 -15.13 -1.98
CA ARG D 45 -8.16 -14.62 -1.34
C ARG D 45 -7.80 -14.01 0.01
N VAL D 46 -8.49 -12.93 0.35
CA VAL D 46 -8.27 -12.24 1.63
C VAL D 46 -9.23 -12.83 2.67
N LEU D 47 -8.68 -13.18 3.84
CA LEU D 47 -9.48 -13.75 4.92
C LEU D 47 -9.81 -12.72 6.00
N ILE D 48 -8.80 -12.10 6.58
CA ILE D 48 -8.97 -11.20 7.72
C ILE D 48 -8.37 -9.85 7.38
N TYR D 49 -9.11 -8.79 7.65
CA TYR D 49 -8.61 -7.43 7.52
C TYR D 49 -8.78 -6.72 8.86
N TYR D 50 -7.85 -5.81 9.17
CA TYR D 50 -7.82 -5.09 10.44
C TYR D 50 -7.64 -6.05 11.61
N THR D 51 -7.09 -7.24 11.31
CA THR D 51 -6.65 -8.26 12.28
C THR D 51 -7.81 -8.86 13.08
N SER D 52 -9.05 -8.42 12.88
CA SER D 52 -10.13 -9.00 13.66
C SER D 52 -11.43 -9.15 12.90
N ARG D 53 -11.45 -8.80 11.61
CA ARG D 53 -12.69 -8.74 10.84
C ARG D 53 -12.62 -9.69 9.65
N LEU D 54 -13.64 -10.52 9.51
CA LEU D 54 -13.73 -11.48 8.43
C LEU D 54 -14.29 -10.81 7.18
N HIS D 55 -13.63 -11.01 6.05
CA HIS D 55 -14.16 -10.49 4.80
C HIS D 55 -15.44 -11.22 4.42
N SER D 56 -16.35 -10.50 3.78
CA SER D 56 -17.65 -11.05 3.41
C SER D 56 -17.50 -12.21 2.43
N GLY D 57 -17.82 -13.43 2.88
CA GLY D 57 -17.74 -14.58 2.01
C GLY D 57 -16.93 -15.72 2.59
N VAL D 58 -15.91 -15.39 3.39
CA VAL D 58 -15.05 -16.41 3.99
C VAL D 58 -15.82 -17.16 5.05
N PRO D 59 -15.48 -18.42 5.33
CA PRO D 59 -16.19 -19.17 6.37
C PRO D 59 -15.94 -18.57 7.75
N SER D 60 -16.92 -18.78 8.64
CA SER D 60 -16.83 -18.27 10.00
C SER D 60 -15.78 -18.97 10.84
N ARG D 61 -15.23 -20.09 10.37
CA ARG D 61 -14.22 -20.80 11.15
C ARG D 61 -12.89 -20.06 11.16
N PHE D 62 -12.64 -19.19 10.18
CA PHE D 62 -11.40 -18.42 10.15
C PHE D 62 -11.45 -17.30 11.18
N SER D 63 -10.42 -17.22 12.00
CA SER D 63 -10.35 -16.22 13.06
C SER D 63 -8.88 -15.87 13.29
N GLY D 64 -8.59 -15.22 14.41
CA GLY D 64 -7.21 -14.89 14.72
C GLY D 64 -7.08 -13.40 15.00
N SER D 65 -6.46 -13.09 16.14
CA SER D 65 -6.29 -11.71 16.55
C SER D 65 -4.96 -11.55 17.26
N GLY D 66 -4.43 -10.33 17.19
CA GLY D 66 -3.18 -10.01 17.86
C GLY D 66 -2.91 -8.53 17.76
N SER D 67 -2.00 -8.06 18.61
CA SER D 67 -1.67 -6.65 18.66
C SER D 67 -0.19 -6.49 18.98
N GLY D 68 0.35 -5.32 18.59
CA GLY D 68 1.75 -5.02 18.84
C GLY D 68 2.66 -5.56 17.76
N THR D 69 3.32 -6.68 18.06
CA THR D 69 4.21 -7.32 17.09
C THR D 69 3.88 -8.79 16.85
N ASP D 70 3.05 -9.41 17.67
CA ASP D 70 2.69 -10.82 17.53
C ASP D 70 1.26 -10.94 17.05
N PHE D 71 1.04 -11.74 16.01
CA PHE D 71 -0.27 -11.93 15.42
C PHE D 71 -0.51 -13.42 15.18
N SER D 72 -1.79 -13.79 15.12
CA SER D 72 -2.17 -15.18 14.93
C SER D 72 -3.37 -15.25 14.00
N LEU D 73 -3.54 -16.41 13.38
CA LEU D 73 -4.69 -16.68 12.50
C LEU D 73 -5.15 -18.10 12.79
N THR D 74 -6.26 -18.22 13.52
CA THR D 74 -6.79 -19.52 13.90
C THR D 74 -7.84 -19.99 12.88
N ILE D 75 -7.86 -21.30 12.65
CA ILE D 75 -8.74 -21.88 11.65
C ILE D 75 -9.81 -22.77 12.28
N SER D 76 -9.65 -23.20 13.52
CA SER D 76 -10.58 -24.12 14.20
C SER D 76 -10.57 -25.44 13.41
N ASN D 77 -11.71 -26.10 13.26
CA ASN D 77 -11.75 -27.35 12.50
C ASN D 77 -11.27 -27.12 11.07
N LEU D 78 -10.41 -28.00 10.58
CA LEU D 78 -9.72 -27.80 9.31
C LEU D 78 -10.29 -28.75 8.26
N GLU D 79 -10.97 -28.19 7.26
CA GLU D 79 -11.48 -28.92 6.11
C GLU D 79 -10.39 -29.06 5.05
N PRO D 80 -10.54 -30.03 4.13
CA PRO D 80 -9.54 -30.16 3.05
C PRO D 80 -9.42 -28.92 2.19
N GLU D 81 -10.48 -28.12 2.07
CA GLU D 81 -10.41 -26.89 1.30
C GLU D 81 -9.44 -25.88 1.90
N ASP D 82 -9.19 -25.94 3.21
CA ASP D 82 -8.30 -25.01 3.88
C ASP D 82 -6.86 -25.54 3.94
N ILE D 83 -6.33 -25.94 2.80
CA ILE D 83 -4.94 -26.37 2.66
C ILE D 83 -4.34 -25.47 1.59
N ALA D 84 -3.58 -24.47 2.00
CA ALA D 84 -3.10 -23.44 1.08
C ALA D 84 -1.94 -22.70 1.73
N THR D 85 -1.52 -21.61 1.10
CA THR D 85 -0.45 -20.76 1.60
C THR D 85 -1.06 -19.48 2.19
N TYR D 86 -0.67 -19.16 3.42
CA TYR D 86 -1.24 -18.04 4.14
C TYR D 86 -0.19 -16.95 4.34
N TYR D 87 -0.57 -15.70 4.08
CA TYR D 87 0.33 -14.57 4.13
C TYR D 87 -0.21 -13.53 5.11
N CYS D 88 0.71 -12.84 5.78
CA CYS D 88 0.37 -11.71 6.63
C CYS D 88 0.96 -10.45 6.02
N GLN D 89 0.10 -9.44 5.81
CA GLN D 89 0.51 -8.19 5.20
C GLN D 89 0.22 -7.04 6.15
N GLN D 90 1.16 -6.11 6.27
CA GLN D 90 1.01 -4.91 7.06
C GLN D 90 0.83 -3.70 6.16
N TYR D 91 0.13 -2.69 6.68
CA TYR D 91 -0.01 -1.42 5.97
C TYR D 91 0.22 -0.25 6.91
N SER D 92 0.99 -0.47 7.98
CA SER D 92 1.36 0.63 8.87
C SER D 92 2.22 1.64 8.15
N LYS D 93 3.19 1.17 7.36
CA LYS D 93 4.05 2.02 6.56
C LYS D 93 3.74 1.80 5.07
N PHE D 94 4.17 2.76 4.26
CA PHE D 94 3.84 2.75 2.84
C PHE D 94 4.33 1.52 2.07
N PRO D 95 5.52 0.96 2.31
CA PRO D 95 5.98 -0.16 1.46
C PRO D 95 5.04 -1.36 1.44
N TRP D 96 4.23 -1.58 2.49
CA TRP D 96 3.22 -2.63 2.50
C TRP D 96 3.84 -4.01 2.28
N THR D 97 4.67 -4.45 3.22
CA THR D 97 5.39 -5.71 3.05
C THR D 97 4.48 -6.90 3.38
N PHE D 98 4.96 -8.09 3.04
CA PHE D 98 4.23 -9.33 3.22
C PHE D 98 5.04 -10.30 4.06
N GLY D 99 4.34 -11.27 4.67
CA GLY D 99 5.04 -12.32 5.40
C GLY D 99 5.79 -13.25 4.47
N GLY D 100 5.06 -14.04 3.69
CA GLY D 100 5.64 -14.70 2.53
C GLY D 100 5.99 -16.16 2.67
N GLY D 101 5.69 -16.82 3.78
CA GLY D 101 6.22 -18.15 3.91
C GLY D 101 5.46 -19.27 4.59
N THR D 102 4.17 -19.12 4.90
CA THR D 102 3.47 -20.15 5.66
C THR D 102 2.71 -21.09 4.73
N LYS D 103 3.06 -22.38 4.80
CA LYS D 103 2.43 -23.43 4.00
C LYS D 103 1.88 -24.50 4.93
N LEU D 104 0.78 -25.12 4.53
CA LEU D 104 0.11 -26.15 5.32
C LEU D 104 0.13 -27.49 4.59
N GLU D 105 0.11 -28.57 5.37
CA GLU D 105 0.20 -29.93 4.84
C GLU D 105 -0.50 -30.88 5.80
N ILE D 106 -0.82 -32.07 5.28
CA ILE D 106 -1.58 -33.06 6.04
C ILE D 106 -0.64 -33.98 6.79
N LYS D 107 -0.95 -34.23 8.06
CA LYS D 107 -0.13 -35.11 8.88
C LYS D 107 -0.43 -36.57 8.58
N ARG D 108 0.62 -37.40 8.65
CA ARG D 108 0.48 -38.85 8.50
C ARG D 108 1.71 -39.50 9.08
N ALA D 109 1.67 -40.84 9.15
CA ALA D 109 2.80 -41.59 9.67
C ALA D 109 3.99 -41.50 8.72
N ASP D 110 5.19 -41.51 9.29
CA ASP D 110 6.41 -41.46 8.50
C ASP D 110 6.56 -42.71 7.65
N ALA D 111 7.14 -42.53 6.47
CA ALA D 111 7.36 -43.63 5.53
C ALA D 111 8.77 -43.54 4.96
N ALA D 112 9.41 -44.70 4.81
CA ALA D 112 10.73 -44.77 4.22
C ALA D 112 10.63 -44.65 2.70
N PRO D 113 11.38 -43.75 2.07
CA PRO D 113 11.28 -43.60 0.62
C PRO D 113 11.77 -44.83 -0.12
N THR D 114 11.17 -45.07 -1.29
CA THR D 114 11.61 -46.13 -2.20
C THR D 114 12.72 -45.57 -3.07
N VAL D 115 13.93 -46.08 -2.89
CA VAL D 115 15.12 -45.55 -3.53
C VAL D 115 15.51 -46.45 -4.70
N SER D 116 15.79 -45.85 -5.85
CA SER D 116 16.17 -46.60 -7.04
C SER D 116 17.03 -45.72 -7.93
N ILE D 117 18.23 -46.18 -8.25
CA ILE D 117 19.13 -45.46 -9.12
C ILE D 117 18.90 -45.89 -10.56
N PHE D 118 19.32 -45.07 -11.51
CA PHE D 118 19.10 -45.35 -12.92
C PHE D 118 20.36 -45.04 -13.72
N PRO D 119 20.93 -46.03 -14.40
CA PRO D 119 22.12 -45.78 -15.23
C PRO D 119 21.78 -44.91 -16.43
N PRO D 120 22.75 -44.18 -16.97
CA PRO D 120 22.48 -43.35 -18.15
C PRO D 120 22.15 -44.20 -19.37
N SER D 121 21.32 -43.62 -20.25
CA SER D 121 20.88 -44.34 -21.43
C SER D 121 22.02 -44.49 -22.43
N SER D 122 21.85 -45.45 -23.35
CA SER D 122 22.87 -45.67 -24.38
C SER D 122 22.94 -44.49 -25.34
N GLU D 123 21.79 -44.03 -25.84
CA GLU D 123 21.78 -42.91 -26.76
C GLU D 123 22.16 -41.60 -26.07
N GLN D 124 22.00 -41.52 -24.74
CA GLN D 124 22.46 -40.34 -24.02
C GLN D 124 23.96 -40.17 -24.13
N LEU D 125 24.71 -41.27 -24.05
CA LEU D 125 26.16 -41.20 -24.15
C LEU D 125 26.60 -40.73 -25.53
N THR D 126 25.96 -41.25 -26.58
CA THR D 126 26.31 -40.83 -27.94
C THR D 126 25.96 -39.38 -28.21
N SER D 127 25.03 -38.80 -27.45
CA SER D 127 24.70 -37.39 -27.63
C SER D 127 25.86 -36.49 -27.24
N GLY D 128 26.62 -36.88 -26.22
CA GLY D 128 27.73 -36.07 -25.75
C GLY D 128 27.54 -35.58 -24.33
N GLY D 129 26.84 -36.36 -23.52
CA GLY D 129 26.60 -36.01 -22.13
C GLY D 129 26.42 -37.22 -21.25
N ALA D 130 26.09 -36.98 -19.97
CA ALA D 130 25.87 -38.07 -19.03
C ALA D 130 24.98 -37.58 -17.91
N SER D 131 23.95 -38.35 -17.58
CA SER D 131 23.03 -38.00 -16.51
C SER D 131 22.61 -39.25 -15.77
N VAL D 132 22.71 -39.20 -14.44
CA VAL D 132 22.28 -40.29 -13.56
C VAL D 132 21.27 -39.73 -12.58
N VAL D 133 20.23 -40.51 -12.30
CA VAL D 133 19.12 -40.07 -11.45
C VAL D 133 18.77 -41.17 -10.47
N CYS D 134 18.59 -40.79 -9.21
CA CYS D 134 18.08 -41.67 -8.18
C CYS D 134 16.73 -41.14 -7.71
N PHE D 135 15.71 -42.01 -7.71
CA PHE D 135 14.35 -41.63 -7.40
C PHE D 135 14.01 -42.05 -5.96
N LEU D 136 13.41 -41.12 -5.21
CA LEU D 136 12.81 -41.41 -3.91
C LEU D 136 11.31 -41.25 -4.04
N ASN D 137 10.56 -42.28 -3.64
CA ASN D 137 9.12 -42.30 -3.83
C ASN D 137 8.41 -42.59 -2.52
N ASN D 138 7.32 -41.84 -2.27
CA ASN D 138 6.40 -42.11 -1.17
C ASN D 138 7.10 -42.06 0.19
N PHE D 139 7.60 -40.87 0.53
CA PHE D 139 8.10 -40.57 1.86
C PHE D 139 7.37 -39.36 2.39
N TYR D 140 6.94 -39.42 3.65
CA TYR D 140 6.10 -38.34 4.17
C TYR D 140 6.90 -37.07 4.47
N PRO D 141 7.92 -37.10 5.36
CA PRO D 141 8.65 -35.86 5.65
C PRO D 141 9.45 -35.40 4.45
N LYS D 142 9.10 -34.24 3.90
CA LYS D 142 9.69 -33.79 2.64
C LYS D 142 11.05 -33.12 2.81
N ASP D 143 11.58 -33.07 4.03
CA ASP D 143 12.84 -32.38 4.31
C ASP D 143 14.04 -33.33 4.29
N ILE D 144 14.00 -34.37 3.46
CA ILE D 144 15.13 -35.29 3.38
C ILE D 144 16.27 -34.66 2.58
N ASN D 145 17.44 -35.27 2.68
CA ASN D 145 18.62 -34.84 1.96
C ASN D 145 19.20 -36.02 1.20
N VAL D 146 19.86 -35.72 0.08
CA VAL D 146 20.45 -36.75 -0.77
C VAL D 146 21.89 -36.40 -1.05
N LYS D 147 22.70 -37.43 -1.30
CA LYS D 147 24.12 -37.27 -1.60
C LYS D 147 24.51 -38.28 -2.67
N TRP D 148 25.72 -38.12 -3.20
CA TRP D 148 26.27 -39.02 -4.21
C TRP D 148 27.67 -39.42 -3.79
N LYS D 149 27.88 -40.73 -3.57
CA LYS D 149 29.17 -41.20 -3.10
C LYS D 149 30.27 -40.98 -4.15
N ILE D 150 30.02 -41.41 -5.39
CA ILE D 150 30.97 -41.31 -6.49
C ILE D 150 32.33 -41.87 -6.07
N ASP D 151 32.31 -43.00 -5.36
CA ASP D 151 33.52 -43.66 -4.88
C ASP D 151 34.37 -42.69 -4.04
N GLY D 152 33.77 -42.20 -2.97
CA GLY D 152 34.45 -41.25 -2.10
C GLY D 152 34.73 -39.91 -2.74
N SER D 153 33.80 -39.38 -3.52
CA SER D 153 33.93 -38.08 -4.18
C SER D 153 32.68 -37.25 -3.99
N GLU D 154 32.23 -37.16 -2.74
CA GLU D 154 30.97 -36.52 -2.40
C GLU D 154 30.94 -35.07 -2.90
N ARG D 155 30.07 -34.77 -3.86
CA ARG D 155 30.00 -33.45 -4.44
C ARG D 155 28.54 -33.00 -4.54
N GLN D 156 28.35 -31.68 -4.52
CA GLN D 156 27.03 -31.09 -4.68
C GLN D 156 27.04 -29.92 -5.67
N ASN D 157 28.14 -29.73 -6.40
CA ASN D 157 28.25 -28.60 -7.31
C ASN D 157 27.26 -28.71 -8.47
N GLY D 158 27.12 -29.90 -9.05
CA GLY D 158 26.30 -30.07 -10.23
C GLY D 158 25.11 -31.00 -10.03
N VAL D 159 24.45 -30.88 -8.89
CA VAL D 159 23.28 -31.69 -8.59
C VAL D 159 22.04 -30.81 -8.62
N LEU D 160 20.92 -31.40 -9.04
CA LEU D 160 19.65 -30.71 -9.12
C LEU D 160 18.57 -31.61 -8.54
N ASN D 161 17.75 -31.06 -7.65
CA ASN D 161 16.70 -31.82 -6.98
C ASN D 161 15.35 -31.19 -7.31
N SER D 162 14.38 -32.02 -7.68
CA SER D 162 13.03 -31.59 -7.99
C SER D 162 12.07 -32.22 -7.00
N TRP D 163 11.31 -31.39 -6.30
CA TRP D 163 10.35 -31.88 -5.32
C TRP D 163 9.04 -32.26 -6.02
N THR D 164 8.06 -32.64 -5.22
CA THR D 164 6.73 -32.95 -5.73
C THR D 164 5.70 -32.55 -4.69
N ASP D 165 4.57 -32.01 -5.16
CA ASP D 165 3.51 -31.63 -4.25
C ASP D 165 2.82 -32.87 -3.66
N GLN D 166 2.20 -32.68 -2.51
CA GLN D 166 1.50 -33.78 -1.85
C GLN D 166 0.32 -34.22 -2.70
N ASP D 167 0.17 -35.53 -2.87
CA ASP D 167 -0.90 -36.07 -3.68
C ASP D 167 -2.19 -36.17 -2.86
N SER D 168 -3.22 -36.76 -3.47
CA SER D 168 -4.52 -36.90 -2.84
C SER D 168 -4.78 -38.30 -2.30
N LYS D 169 -4.43 -39.34 -3.07
CA LYS D 169 -4.61 -40.70 -2.59
C LYS D 169 -3.71 -41.00 -1.39
N ASP D 170 -2.60 -40.26 -1.25
CA ASP D 170 -1.72 -40.39 -0.10
C ASP D 170 -1.31 -39.02 0.37
N SER D 171 -0.33 -38.96 1.29
CA SER D 171 0.20 -37.70 1.79
C SER D 171 1.72 -37.76 1.82
N THR D 172 2.31 -38.25 0.74
CA THR D 172 3.75 -38.42 0.64
C THR D 172 4.26 -37.73 -0.62
N TYR D 173 5.51 -37.28 -0.57
CA TYR D 173 6.13 -36.56 -1.66
C TYR D 173 7.07 -37.50 -2.43
N SER D 174 7.81 -36.94 -3.39
CA SER D 174 8.72 -37.72 -4.20
C SER D 174 9.96 -36.89 -4.51
N MET D 175 10.95 -37.53 -5.12
CA MET D 175 12.25 -36.92 -5.38
C MET D 175 12.64 -37.08 -6.84
N SER D 176 13.48 -36.16 -7.30
CA SER D 176 14.11 -36.27 -8.62
C SER D 176 15.48 -35.60 -8.51
N SER D 177 16.49 -36.42 -8.23
CA SER D 177 17.86 -35.93 -8.09
C SER D 177 18.64 -36.34 -9.34
N THR D 178 19.18 -35.35 -10.04
CA THR D 178 19.96 -35.58 -11.25
C THR D 178 21.38 -35.08 -11.06
N LEU D 179 22.32 -35.73 -11.74
CA LEU D 179 23.73 -35.35 -11.70
C LEU D 179 24.17 -35.10 -13.14
N THR D 180 24.05 -33.86 -13.57
CA THR D 180 24.40 -33.51 -14.94
C THR D 180 25.91 -33.66 -15.16
N LEU D 181 26.26 -34.27 -16.29
CA LEU D 181 27.66 -34.49 -16.63
C LEU D 181 27.79 -34.50 -18.14
N THR D 182 29.00 -34.20 -18.61
CA THR D 182 29.33 -34.31 -20.02
C THR D 182 30.09 -35.61 -20.25
N LYS D 183 30.67 -35.76 -21.44
CA LYS D 183 31.46 -36.94 -21.75
C LYS D 183 32.91 -36.72 -21.33
N ASP D 184 33.67 -37.84 -21.30
CA ASP D 184 35.10 -37.95 -21.01
C ASP D 184 35.42 -37.87 -19.52
N GLU D 185 34.45 -37.69 -18.63
CA GLU D 185 34.70 -37.85 -17.20
C GLU D 185 33.71 -38.80 -16.52
N TYR D 186 32.59 -39.13 -17.17
CA TYR D 186 31.65 -40.06 -16.57
C TYR D 186 32.28 -41.43 -16.37
N GLU D 187 33.04 -41.90 -17.36
CA GLU D 187 33.78 -43.15 -17.23
C GLU D 187 35.09 -42.97 -16.46
N ARG D 188 35.50 -41.72 -16.22
CA ARG D 188 36.70 -41.45 -15.44
C ARG D 188 36.49 -41.67 -13.94
N HIS D 189 35.24 -41.72 -13.48
CA HIS D 189 34.94 -41.93 -12.07
C HIS D 189 34.40 -43.31 -11.76
N ASN D 190 34.29 -44.19 -12.76
CA ASN D 190 33.87 -45.59 -12.58
C ASN D 190 32.45 -45.60 -12.03
N SER D 191 32.19 -46.21 -10.88
CA SER D 191 30.83 -46.42 -10.40
C SER D 191 30.30 -45.21 -9.64
N TYR D 192 28.98 -45.15 -9.52
CA TYR D 192 28.29 -44.10 -8.79
C TYR D 192 27.22 -44.73 -7.90
N THR D 193 26.90 -44.03 -6.81
CA THR D 193 25.84 -44.48 -5.90
C THR D 193 25.14 -43.28 -5.29
N CYS D 194 23.82 -43.25 -5.37
CA CYS D 194 23.03 -42.22 -4.71
C CYS D 194 22.95 -42.51 -3.23
N GLU D 195 22.98 -41.44 -2.42
CA GLU D 195 22.97 -41.57 -0.96
C GLU D 195 21.89 -40.63 -0.40
N ALA D 196 20.72 -41.18 -0.14
CA ALA D 196 19.60 -40.43 0.43
C ALA D 196 19.50 -40.74 1.91
N THR D 197 19.53 -39.70 2.73
CA THR D 197 19.46 -39.85 4.18
C THR D 197 18.16 -39.25 4.70
N HIS D 198 17.43 -40.04 5.48
CA HIS D 198 16.17 -39.61 6.09
C HIS D 198 16.32 -39.69 7.59
N LYS D 199 16.00 -38.59 8.28
CA LYS D 199 16.20 -38.53 9.73
C LYS D 199 15.27 -39.49 10.46
N THR D 200 14.18 -39.92 9.82
CA THR D 200 13.30 -40.91 10.43
C THR D 200 14.03 -42.24 10.62
N SER D 201 14.79 -42.67 9.62
CA SER D 201 15.58 -43.88 9.71
C SER D 201 16.94 -43.58 10.32
N THR D 202 17.45 -44.51 11.13
CA THR D 202 18.74 -44.31 11.76
C THR D 202 19.88 -44.41 10.76
N SER D 203 19.72 -45.21 9.70
CA SER D 203 20.75 -45.42 8.71
C SER D 203 20.19 -45.15 7.32
N PRO D 204 21.03 -44.68 6.39
CA PRO D 204 20.55 -44.38 5.04
C PRO D 204 20.42 -45.65 4.19
N ILE D 205 19.91 -45.45 2.98
CA ILE D 205 19.71 -46.53 2.02
C ILE D 205 20.58 -46.27 0.79
N VAL D 206 21.24 -47.33 0.32
CA VAL D 206 22.17 -47.25 -0.80
C VAL D 206 21.77 -48.26 -1.86
N LYS D 207 21.90 -47.79 -3.10
CA LYS D 207 21.73 -48.56 -4.33
C LYS D 207 23.06 -48.21 -5.01
N SER D 208 23.83 -49.22 -5.43
CA SER D 208 25.14 -48.98 -6.08
C SER D 208 25.02 -49.43 -7.54
N PHE D 209 25.45 -48.61 -8.50
CA PHE D 209 25.37 -48.96 -9.93
C PHE D 209 26.79 -49.17 -10.48
N ASN D 210 27.05 -50.29 -11.16
CA ASN D 210 28.40 -50.54 -11.69
C ASN D 210 28.47 -50.55 -13.22
N ARG D 211 29.44 -49.83 -13.80
CA ARG D 211 29.50 -49.84 -15.27
C ARG D 211 29.37 -51.25 -15.81
N ASN D 212 30.04 -52.22 -15.19
CA ASN D 212 30.01 -53.60 -15.65
C ASN D 212 29.07 -54.44 -14.79
#